data_5HIE
#
_entry.id   5HIE
#
_cell.length_a   65.413
_cell.length_b   127.786
_cell.length_c   83.135
_cell.angle_alpha   90.00
_cell.angle_beta   105.79
_cell.angle_gamma   90.00
#
_symmetry.space_group_name_H-M   'P 1 21 1'
#
loop_
_entity.id
_entity.type
_entity.pdbx_description
1 polymer 'Serine/threonine-protein kinase B-raf'
2 non-polymer Dabrafenib
3 water water
#
_entity_poly.entity_id   1
_entity_poly.type   'polypeptide(L)'
_entity_poly.pdbx_seq_one_letter_code
;MDRGSHHHHHHGSEDRNRMKTLGRRDSSDDWEIPDGQITVGQRIGSGSFGTVYKGKWHGDVAVKMLTPQQLQAFKNEVGV
LRKTRHVNILLFMGYSTKPQLAIVTQWCEGSSLYHHLHIIETKFEMIKLIDIARQTAQGMDYLHAKSIIHRDLKSNNIFL
HEDLTVKIGDFGLATVKSRWSGSHQFEQLSGSILWMAPEVIRMQDKNPYSFQSDVYAFGIVLYELMTGQLPYSNINNRDQ
IIFMVGRGYLSPDLSKVRSNCPKAMKRLMAECLKKKRDERPLFPQILASIELLARSLPKIHR
;
_entity_poly.pdbx_strand_id   A,B,C,D
#
loop_
_chem_comp.id
_chem_comp.type
_chem_comp.name
_chem_comp.formula
P06 non-polymer Dabrafenib 'C23 H20 F3 N5 O2 S2'
#
# COMPACT_ATOMS: atom_id res chain seq x y z
N ASP A 30 35.19 31.76 -12.18
CA ASP A 30 34.70 30.50 -11.62
C ASP A 30 33.19 30.54 -11.33
N TRP A 31 32.65 29.41 -10.81
CA TRP A 31 31.24 29.25 -10.49
C TRP A 31 30.98 29.35 -8.98
N GLU A 32 31.93 29.92 -8.23
CA GLU A 32 31.77 30.04 -6.78
C GLU A 32 30.93 31.24 -6.38
N ILE A 33 29.84 30.98 -5.70
CA ILE A 33 28.90 31.99 -5.21
C ILE A 33 29.51 32.68 -3.97
N PRO A 34 29.62 34.03 -3.97
CA PRO A 34 30.21 34.74 -2.82
C PRO A 34 29.59 34.32 -1.49
N ASP A 35 30.44 34.11 -0.48
CA ASP A 35 30.03 33.68 0.86
C ASP A 35 28.89 34.53 1.43
N GLY A 36 27.87 33.84 1.94
CA GLY A 36 26.68 34.42 2.57
C GLY A 36 25.58 34.96 1.69
N GLN A 37 25.56 34.61 0.39
CA GLN A 37 24.53 35.10 -0.52
C GLN A 37 23.29 34.20 -0.58
N ILE A 38 23.46 32.90 -0.35
CA ILE A 38 22.35 31.96 -0.41
C ILE A 38 21.60 31.89 0.93
N THR A 39 20.26 31.92 0.82
CA THR A 39 19.32 31.74 1.91
C THR A 39 18.81 30.31 1.73
N VAL A 40 19.04 29.43 2.72
CA VAL A 40 18.63 28.04 2.66
C VAL A 40 17.33 27.82 3.45
N GLY A 41 16.33 27.25 2.78
CA GLY A 41 15.01 27.03 3.34
C GLY A 41 14.63 25.58 3.61
N GLN A 42 13.41 25.19 3.18
CA GLN A 42 12.83 23.87 3.41
C GLN A 42 13.63 22.71 2.85
N ARG A 43 13.83 21.65 3.67
CA ARG A 43 14.51 20.42 3.28
C ARG A 43 13.58 19.61 2.37
N ILE A 44 14.03 19.36 1.14
CA ILE A 44 13.25 18.64 0.14
C ILE A 44 13.47 17.13 0.24
N GLY A 45 14.71 16.71 0.48
CA GLY A 45 15.05 15.30 0.62
C GLY A 45 16.46 14.94 0.23
N SER A 46 16.73 13.63 0.05
CA SER A 46 18.06 13.13 -0.34
C SER A 46 17.93 12.15 -1.51
N GLY A 47 18.81 12.31 -2.50
CA GLY A 47 18.87 11.45 -3.68
C GLY A 47 19.99 10.44 -3.61
N SER A 48 20.66 10.19 -4.77
CA SER A 48 21.80 9.26 -4.86
C SER A 48 22.95 9.73 -3.96
N PHE A 49 23.09 11.06 -3.82
CA PHE A 49 24.10 11.74 -3.00
C PHE A 49 23.59 13.10 -2.56
N GLY A 50 24.00 13.51 -1.36
CA GLY A 50 23.66 14.79 -0.76
C GLY A 50 22.21 15.04 -0.39
N THR A 51 21.97 16.13 0.36
CA THR A 51 20.65 16.56 0.80
C THR A 51 20.25 17.87 0.11
N VAL A 52 19.05 17.88 -0.48
CA VAL A 52 18.46 18.98 -1.23
C VAL A 52 17.56 19.84 -0.35
N TYR A 53 17.76 21.17 -0.45
CA TYR A 53 16.98 22.18 0.26
C TYR A 53 16.53 23.24 -0.76
N LYS A 54 15.31 23.78 -0.60
CA LYS A 54 14.88 24.88 -1.46
C LYS A 54 15.63 26.11 -0.92
N GLY A 55 16.17 26.92 -1.82
CA GLY A 55 16.92 28.10 -1.44
C GLY A 55 16.58 29.33 -2.25
N LYS A 56 17.21 30.44 -1.87
CA LYS A 56 17.05 31.70 -2.54
C LYS A 56 18.43 32.28 -2.87
N TRP A 57 18.64 32.55 -4.16
CA TRP A 57 19.83 33.18 -4.75
C TRP A 57 19.49 33.58 -6.16
N HIS A 58 19.13 34.87 -6.34
CA HIS A 58 18.64 35.46 -7.59
C HIS A 58 17.37 34.72 -7.99
N GLY A 59 16.47 34.59 -7.01
CA GLY A 59 15.22 33.85 -7.12
C GLY A 59 15.36 32.45 -6.53
N ASP A 60 14.32 31.61 -6.72
CA ASP A 60 14.26 30.24 -6.23
C ASP A 60 15.34 29.38 -6.88
N VAL A 61 16.11 28.67 -6.04
CA VAL A 61 17.17 27.76 -6.44
C VAL A 61 17.08 26.48 -5.61
N ALA A 62 17.78 25.41 -6.03
CA ALA A 62 17.87 24.15 -5.29
C ALA A 62 19.29 24.07 -4.77
N VAL A 63 19.44 23.74 -3.47
CA VAL A 63 20.73 23.70 -2.79
C VAL A 63 21.03 22.27 -2.35
N LYS A 64 21.95 21.58 -3.07
CA LYS A 64 22.35 20.21 -2.76
C LYS A 64 23.60 20.25 -1.88
N MET A 65 23.44 19.94 -0.58
CA MET A 65 24.54 19.91 0.39
C MET A 65 25.31 18.62 0.21
N LEU A 66 26.64 18.72 0.22
CA LEU A 66 27.53 17.56 0.11
C LEU A 66 28.88 17.79 0.82
N THR A 67 29.69 16.72 0.87
CA THR A 67 31.04 16.71 1.45
C THR A 67 32.04 16.95 0.30
N PRO A 68 33.27 17.49 0.56
CA PRO A 68 34.23 17.68 -0.54
C PRO A 68 34.58 16.39 -1.29
N GLN A 69 34.55 15.24 -0.59
CA GLN A 69 34.79 13.91 -1.14
C GLN A 69 33.67 13.54 -2.11
N GLN A 70 32.40 13.89 -1.76
CA GLN A 70 31.23 13.67 -2.61
C GLN A 70 31.30 14.53 -3.89
N LEU A 71 31.66 15.83 -3.74
CA LEU A 71 31.80 16.79 -4.85
C LEU A 71 32.90 16.37 -5.84
N GLN A 72 34.09 15.99 -5.32
CA GLN A 72 35.24 15.55 -6.12
C GLN A 72 34.95 14.26 -6.90
N ALA A 73 34.17 13.35 -6.28
CA ALA A 73 33.81 12.08 -6.90
C ALA A 73 32.80 12.32 -8.01
N PHE A 74 31.86 13.27 -7.81
CA PHE A 74 30.86 13.63 -8.79
C PHE A 74 31.50 14.25 -10.03
N LYS A 75 32.50 15.14 -9.83
CA LYS A 75 33.25 15.80 -10.91
C LYS A 75 34.03 14.79 -11.77
N ASN A 76 34.57 13.72 -11.12
CA ASN A 76 35.37 12.67 -11.77
C ASN A 76 34.51 11.58 -12.41
N GLU A 77 33.67 10.90 -11.60
CA GLU A 77 32.80 9.77 -11.99
C GLU A 77 31.61 10.14 -12.88
N VAL A 78 31.09 11.37 -12.78
CA VAL A 78 29.92 11.80 -13.56
C VAL A 78 30.25 13.02 -14.45
N GLY A 79 30.53 14.17 -13.82
CA GLY A 79 30.89 15.42 -14.48
C GLY A 79 29.80 16.11 -15.28
N VAL A 80 28.52 16.06 -14.80
CA VAL A 80 27.38 16.74 -15.45
C VAL A 80 27.41 18.26 -15.25
N LEU A 81 27.97 18.73 -14.11
CA LEU A 81 28.09 20.14 -13.75
C LEU A 81 28.81 20.89 -14.86
N ARG A 82 29.92 20.31 -15.31
CA ARG A 82 30.74 20.88 -16.38
C ARG A 82 30.12 20.63 -17.77
N LYS A 83 29.94 19.33 -18.12
CA LYS A 83 29.48 18.81 -19.41
C LYS A 83 28.07 19.22 -19.90
N THR A 84 27.05 19.29 -19.03
CA THR A 84 25.68 19.55 -19.50
C THR A 84 25.23 21.01 -19.43
N ARG A 85 24.55 21.41 -20.54
CA ARG A 85 23.89 22.68 -20.87
C ARG A 85 22.84 22.31 -22.00
N HIS A 86 21.68 21.76 -21.56
CA HIS A 86 20.55 21.31 -22.37
C HIS A 86 19.26 21.55 -21.60
N VAL A 87 18.19 21.92 -22.33
CA VAL A 87 16.86 22.26 -21.80
C VAL A 87 16.20 21.11 -21.00
N ASN A 88 16.54 19.84 -21.31
CA ASN A 88 15.96 18.69 -20.63
C ASN A 88 16.82 18.16 -19.50
N ILE A 89 17.94 18.85 -19.20
CA ILE A 89 18.83 18.48 -18.09
C ILE A 89 18.81 19.60 -17.05
N LEU A 90 18.72 19.23 -15.76
CA LEU A 90 18.72 20.18 -14.66
C LEU A 90 19.95 21.10 -14.74
N LEU A 91 19.70 22.42 -14.75
CA LEU A 91 20.74 23.43 -14.91
C LEU A 91 21.55 23.70 -13.67
N PHE A 92 22.86 23.45 -13.73
CA PHE A 92 23.81 23.76 -12.65
C PHE A 92 23.99 25.29 -12.67
N MET A 93 24.09 25.92 -11.50
CA MET A 93 24.22 27.38 -11.41
C MET A 93 25.50 27.88 -10.78
N GLY A 94 25.99 27.16 -9.77
CA GLY A 94 27.21 27.51 -9.05
C GLY A 94 27.36 26.72 -7.77
N TYR A 95 28.45 26.96 -7.04
CA TYR A 95 28.63 26.25 -5.78
C TYR A 95 28.97 27.21 -4.66
N SER A 96 28.75 26.77 -3.42
CA SER A 96 29.06 27.54 -2.23
C SER A 96 30.09 26.77 -1.43
N THR A 97 30.92 27.51 -0.68
CA THR A 97 32.01 26.94 0.12
C THR A 97 31.81 27.20 1.62
N LYS A 98 31.20 28.36 1.92
CA LYS A 98 30.87 28.83 3.27
C LYS A 98 29.39 29.26 3.27
N PRO A 99 28.54 28.88 4.27
CA PRO A 99 28.86 28.14 5.50
C PRO A 99 29.18 26.68 5.31
N GLN A 100 28.49 26.03 4.35
CA GLN A 100 28.66 24.63 4.00
C GLN A 100 28.75 24.48 2.48
N LEU A 101 29.48 23.43 2.03
CA LEU A 101 29.67 23.11 0.62
C LEU A 101 28.38 22.61 0.05
N ALA A 102 27.95 23.24 -1.04
CA ALA A 102 26.71 22.91 -1.71
C ALA A 102 26.74 23.22 -3.20
N ILE A 103 25.98 22.44 -4.01
CA ILE A 103 25.81 22.65 -5.44
C ILE A 103 24.47 23.35 -5.58
N VAL A 104 24.47 24.52 -6.23
CA VAL A 104 23.28 25.31 -6.47
C VAL A 104 22.82 25.06 -7.91
N THR A 105 21.58 24.61 -8.08
CA THR A 105 21.00 24.38 -9.40
C THR A 105 19.75 25.27 -9.49
N GLN A 106 19.11 25.29 -10.67
CA GLN A 106 17.85 25.99 -10.91
C GLN A 106 16.74 25.25 -10.11
N TRP A 107 15.67 25.96 -9.78
CA TRP A 107 14.55 25.35 -9.07
C TRP A 107 13.44 24.98 -10.04
N CYS A 108 12.88 23.77 -9.88
CA CYS A 108 11.78 23.28 -10.70
C CYS A 108 10.46 23.57 -10.01
N GLU A 109 9.64 24.41 -10.65
CA GLU A 109 8.33 24.75 -10.12
C GLU A 109 7.35 23.68 -10.59
N GLY A 110 6.90 22.89 -9.64
CA GLY A 110 5.98 21.79 -9.93
C GLY A 110 6.36 20.54 -9.18
N SER A 111 6.21 19.39 -9.83
CA SER A 111 6.46 18.09 -9.22
C SER A 111 7.19 17.15 -10.18
N SER A 112 7.74 16.04 -9.63
CA SER A 112 8.39 15.00 -10.40
C SER A 112 7.31 14.18 -11.09
N LEU A 113 7.70 13.33 -12.05
CA LEU A 113 6.75 12.49 -12.77
C LEU A 113 6.14 11.45 -11.81
N TYR A 114 6.94 10.94 -10.85
CA TYR A 114 6.50 9.98 -9.83
C TYR A 114 5.36 10.57 -9.03
N HIS A 115 5.58 11.79 -8.53
CA HIS A 115 4.59 12.53 -7.74
C HIS A 115 3.30 12.71 -8.51
N HIS A 116 3.41 13.14 -9.78
CA HIS A 116 2.25 13.33 -10.65
C HIS A 116 1.47 12.05 -10.86
N LEU A 117 2.13 10.96 -11.28
CA LEU A 117 1.49 9.68 -11.59
C LEU A 117 0.99 8.86 -10.39
N HIS A 118 1.75 8.81 -9.31
CA HIS A 118 1.46 7.92 -8.18
C HIS A 118 1.01 8.60 -6.88
N ILE A 119 1.40 9.87 -6.63
CA ILE A 119 1.01 10.54 -5.39
C ILE A 119 -0.29 11.35 -5.57
N ILE A 120 -0.32 12.28 -6.54
CA ILE A 120 -1.48 13.15 -6.78
C ILE A 120 -2.37 12.67 -7.95
N GLU A 121 -2.01 11.54 -8.60
CA GLU A 121 -2.75 10.91 -9.70
C GLU A 121 -3.22 11.89 -10.79
N THR A 122 -2.29 12.67 -11.36
CA THR A 122 -2.57 13.62 -12.43
C THR A 122 -2.93 12.88 -13.72
N LYS A 123 -4.09 13.21 -14.28
CA LYS A 123 -4.56 12.58 -15.51
C LYS A 123 -4.10 13.39 -16.73
N PHE A 124 -2.93 13.03 -17.30
CA PHE A 124 -2.40 13.68 -18.49
C PHE A 124 -3.02 13.08 -19.73
N GLU A 125 -3.21 13.90 -20.78
CA GLU A 125 -3.72 13.45 -22.07
C GLU A 125 -2.62 12.62 -22.72
N MET A 126 -2.98 11.65 -23.60
CA MET A 126 -2.01 10.78 -24.29
C MET A 126 -0.92 11.59 -25.01
N ILE A 127 -1.32 12.70 -25.68
CA ILE A 127 -0.43 13.64 -26.37
C ILE A 127 0.66 14.16 -25.42
N LYS A 128 0.29 14.48 -24.15
CA LYS A 128 1.21 14.96 -23.12
C LYS A 128 2.14 13.84 -22.64
N LEU A 129 1.58 12.63 -22.41
CA LEU A 129 2.35 11.45 -21.97
C LEU A 129 3.44 11.10 -23.00
N ILE A 130 3.11 11.21 -24.31
CA ILE A 130 4.04 10.99 -25.41
C ILE A 130 5.10 12.08 -25.41
N ASP A 131 4.69 13.34 -25.17
CA ASP A 131 5.61 14.48 -25.10
C ASP A 131 6.60 14.35 -23.94
N ILE A 132 6.14 13.85 -22.76
CA ILE A 132 7.00 13.64 -21.59
C ILE A 132 8.09 12.60 -21.91
N ALA A 133 7.70 11.53 -22.62
CA ALA A 133 8.60 10.47 -23.07
C ALA A 133 9.57 11.05 -24.10
N ARG A 134 9.06 11.83 -25.07
CA ARG A 134 9.85 12.49 -26.11
C ARG A 134 10.91 13.39 -25.49
N GLN A 135 10.54 14.19 -24.47
CA GLN A 135 11.42 15.12 -23.78
C GLN A 135 12.47 14.38 -22.94
N THR A 136 12.08 13.28 -22.27
CA THR A 136 12.99 12.47 -21.46
C THR A 136 14.03 11.80 -22.36
N ALA A 137 13.58 11.19 -23.48
CA ALA A 137 14.46 10.56 -24.47
C ALA A 137 15.40 11.58 -25.12
N GLN A 138 14.96 12.85 -25.24
CA GLN A 138 15.75 13.95 -25.80
C GLN A 138 16.94 14.26 -24.90
N GLY A 139 16.68 14.34 -23.59
CA GLY A 139 17.67 14.62 -22.57
C GLY A 139 18.64 13.48 -22.41
N MET A 140 18.14 12.24 -22.51
CA MET A 140 18.92 11.02 -22.38
C MET A 140 19.87 10.84 -23.54
N ASP A 141 19.39 11.11 -24.77
CA ASP A 141 20.18 11.06 -26.00
C ASP A 141 21.35 12.04 -25.92
N TYR A 142 21.11 13.26 -25.34
CA TYR A 142 22.10 14.30 -25.12
C TYR A 142 23.21 13.76 -24.20
N LEU A 143 22.82 13.24 -22.99
CA LEU A 143 23.72 12.68 -21.99
C LEU A 143 24.58 11.58 -22.59
N HIS A 144 23.95 10.62 -23.27
CA HIS A 144 24.61 9.50 -23.92
C HIS A 144 25.59 9.95 -25.00
N ALA A 145 25.24 11.02 -25.75
CA ALA A 145 26.11 11.58 -26.78
C ALA A 145 27.36 12.21 -26.17
N LYS A 146 27.23 12.72 -24.91
CA LYS A 146 28.31 13.31 -24.10
C LYS A 146 28.97 12.21 -23.22
N SER A 147 28.62 10.93 -23.50
CA SER A 147 29.09 9.71 -22.85
C SER A 147 28.85 9.70 -21.33
N ILE A 148 27.68 10.22 -20.92
CA ILE A 148 27.27 10.24 -19.52
C ILE A 148 26.15 9.24 -19.31
N ILE A 149 26.36 8.30 -18.38
CA ILE A 149 25.37 7.31 -17.97
C ILE A 149 24.79 7.85 -16.66
N HIS A 150 23.46 7.99 -16.61
CA HIS A 150 22.73 8.50 -15.44
C HIS A 150 22.93 7.60 -14.21
N ARG A 151 22.80 6.27 -14.42
CA ARG A 151 22.96 5.17 -13.45
C ARG A 151 21.82 5.10 -12.41
N ASP A 152 20.91 6.10 -12.35
CA ASP A 152 19.78 6.09 -11.41
C ASP A 152 18.55 6.83 -11.93
N LEU A 153 18.14 6.55 -13.19
CA LEU A 153 16.96 7.18 -13.78
C LEU A 153 15.69 6.52 -13.25
N LYS A 154 14.78 7.34 -12.71
CA LYS A 154 13.50 6.92 -12.17
C LYS A 154 12.51 8.06 -12.31
N SER A 155 11.24 7.84 -11.98
CA SER A 155 10.20 8.85 -12.12
C SER A 155 10.34 10.06 -11.21
N ASN A 156 10.96 9.92 -10.02
CA ASN A 156 11.14 11.07 -9.15
C ASN A 156 12.43 11.85 -9.49
N ASN A 157 13.03 11.56 -10.68
CA ASN A 157 14.21 12.21 -11.25
C ASN A 157 13.83 13.06 -12.49
N ILE A 158 12.66 12.75 -13.08
CA ILE A 158 12.12 13.47 -14.23
C ILE A 158 11.23 14.54 -13.62
N PHE A 159 11.76 15.77 -13.52
CA PHE A 159 11.03 16.87 -12.92
C PHE A 159 10.25 17.61 -13.98
N LEU A 160 8.94 17.74 -13.78
CA LEU A 160 8.08 18.47 -14.69
C LEU A 160 8.04 19.93 -14.33
N HIS A 161 9.03 20.69 -14.84
CA HIS A 161 9.14 22.13 -14.61
C HIS A 161 7.99 22.86 -15.32
N GLU A 162 7.21 23.63 -14.52
CA GLU A 162 6.04 24.41 -14.92
C GLU A 162 5.00 23.52 -15.63
N ASP A 163 4.99 22.23 -15.24
CA ASP A 163 4.15 21.14 -15.75
C ASP A 163 4.23 20.99 -17.30
N LEU A 164 5.36 21.41 -17.90
CA LEU A 164 5.56 21.33 -19.35
C LEU A 164 6.93 20.74 -19.71
N THR A 165 8.02 21.32 -19.16
CA THR A 165 9.39 20.93 -19.50
C THR A 165 9.97 19.89 -18.54
N VAL A 166 10.43 18.75 -19.11
CA VAL A 166 11.08 17.66 -18.39
C VAL A 166 12.53 18.10 -18.08
N LYS A 167 12.95 17.96 -16.81
CA LYS A 167 14.30 18.27 -16.38
C LYS A 167 14.84 17.03 -15.66
N ILE A 168 15.85 16.38 -16.27
CA ILE A 168 16.48 15.17 -15.72
C ILE A 168 17.55 15.59 -14.71
N GLY A 169 17.44 15.06 -13.51
CA GLY A 169 18.38 15.32 -12.41
C GLY A 169 18.63 14.07 -11.60
N ASP A 170 19.22 14.26 -10.40
CA ASP A 170 19.56 13.23 -9.42
C ASP A 170 20.40 12.09 -10.00
N PHE A 171 21.57 12.46 -10.56
CA PHE A 171 22.52 11.53 -11.16
C PHE A 171 23.12 10.60 -10.11
N GLY A 172 23.22 9.33 -10.49
CA GLY A 172 23.75 8.28 -9.65
C GLY A 172 25.23 8.42 -9.40
N LEU A 173 25.61 8.34 -8.11
CA LEU A 173 26.99 8.43 -7.62
C LEU A 173 27.23 7.33 -6.58
N ALA A 174 28.28 6.51 -6.79
CA ALA A 174 28.63 5.42 -5.89
C ALA A 174 29.25 5.98 -4.61
N THR A 175 28.46 5.94 -3.53
CA THR A 175 28.82 6.48 -2.20
C THR A 175 29.26 5.39 -1.23
N VAL A 176 28.97 4.13 -1.58
CA VAL A 176 29.27 2.96 -0.75
C VAL A 176 30.06 1.88 -1.52
N LYS A 177 30.92 1.14 -0.77
CA LYS A 177 31.77 0.04 -1.25
C LYS A 177 31.52 -1.22 -0.41
N SER A 178 31.97 -2.41 -0.89
CA SER A 178 31.81 -3.70 -0.21
C SER A 178 32.66 -3.82 1.09
N ARG A 179 32.52 -4.96 1.81
CA ARG A 179 33.19 -5.31 3.08
C ARG A 179 32.57 -4.54 4.23
N GLY A 191 16.87 1.67 -1.46
CA GLY A 191 17.15 1.90 -2.88
C GLY A 191 15.99 1.52 -3.78
N SER A 192 15.78 2.31 -4.86
CA SER A 192 14.70 2.10 -5.83
C SER A 192 15.07 1.09 -6.91
N ILE A 193 14.58 -0.15 -6.73
CA ILE A 193 14.85 -1.32 -7.57
C ILE A 193 13.93 -1.48 -8.81
N LEU A 194 12.72 -0.88 -8.79
CA LEU A 194 11.74 -1.01 -9.88
C LEU A 194 12.26 -0.65 -11.28
N TRP A 195 13.28 0.24 -11.35
CA TRP A 195 13.90 0.76 -12.59
C TRP A 195 15.20 0.05 -12.95
N MET A 196 15.70 -0.81 -12.05
CA MET A 196 16.95 -1.55 -12.27
C MET A 196 16.80 -2.68 -13.26
N ALA A 197 17.68 -2.69 -14.27
CA ALA A 197 17.75 -3.71 -15.29
C ALA A 197 18.16 -5.05 -14.64
N PRO A 198 17.72 -6.22 -15.17
CA PRO A 198 18.14 -7.50 -14.58
C PRO A 198 19.63 -7.60 -14.25
N GLU A 199 20.52 -7.18 -15.18
CA GLU A 199 21.98 -7.20 -14.98
C GLU A 199 22.47 -6.27 -13.86
N VAL A 200 21.72 -5.19 -13.58
CA VAL A 200 22.06 -4.25 -12.51
C VAL A 200 21.73 -4.93 -11.17
N ILE A 201 20.57 -5.63 -11.10
CA ILE A 201 20.11 -6.38 -9.94
C ILE A 201 21.05 -7.57 -9.65
N ARG A 202 21.40 -8.35 -10.68
CA ARG A 202 22.29 -9.51 -10.55
C ARG A 202 23.68 -9.09 -10.06
N MET A 203 24.14 -7.92 -10.53
CA MET A 203 25.41 -7.28 -10.24
C MET A 203 26.56 -8.29 -10.11
N GLN A 204 26.65 -9.17 -11.12
CA GLN A 204 27.71 -10.16 -11.22
C GLN A 204 28.91 -9.47 -11.87
N ASP A 205 28.67 -8.21 -12.32
CA ASP A 205 29.62 -7.27 -12.91
C ASP A 205 30.06 -6.29 -11.81
N LYS A 206 31.28 -5.72 -11.98
CA LYS A 206 31.77 -4.66 -11.09
C LYS A 206 30.94 -3.42 -11.40
N ASN A 207 30.85 -3.04 -12.69
CA ASN A 207 30.01 -1.94 -13.18
C ASN A 207 28.97 -2.51 -14.14
N PRO A 208 27.76 -2.85 -13.61
CA PRO A 208 26.72 -3.42 -14.48
C PRO A 208 26.04 -2.37 -15.35
N TYR A 209 26.33 -1.10 -15.08
CA TYR A 209 25.77 0.09 -15.72
C TYR A 209 26.31 0.32 -17.13
N SER A 210 25.40 0.68 -18.03
CA SER A 210 25.66 0.97 -19.44
C SER A 210 24.57 1.92 -19.96
N PHE A 211 24.59 2.21 -21.26
CA PHE A 211 23.57 3.03 -21.89
C PHE A 211 22.28 2.23 -21.90
N GLN A 212 22.40 0.90 -22.08
CA GLN A 212 21.31 -0.06 -22.10
C GLN A 212 20.57 -0.20 -20.76
N SER A 213 21.27 0.01 -19.62
CA SER A 213 20.64 -0.03 -18.27
C SER A 213 19.69 1.20 -18.12
N ASP A 214 20.11 2.36 -18.69
CA ASP A 214 19.36 3.61 -18.69
C ASP A 214 18.17 3.47 -19.61
N VAL A 215 18.31 2.66 -20.68
CA VAL A 215 17.24 2.38 -21.65
C VAL A 215 16.18 1.58 -20.91
N TYR A 216 16.60 0.57 -20.09
CA TYR A 216 15.68 -0.23 -19.28
C TYR A 216 14.94 0.66 -18.30
N ALA A 217 15.66 1.53 -17.56
CA ALA A 217 15.04 2.44 -16.59
C ALA A 217 14.03 3.39 -17.28
N PHE A 218 14.33 3.82 -18.54
CA PHE A 218 13.44 4.64 -19.38
C PHE A 218 12.20 3.81 -19.77
N GLY A 219 12.42 2.50 -20.02
CA GLY A 219 11.38 1.53 -20.36
C GLY A 219 10.32 1.46 -19.29
N ILE A 220 10.77 1.47 -18.01
CA ILE A 220 9.91 1.45 -16.81
C ILE A 220 9.15 2.77 -16.72
N VAL A 221 9.85 3.87 -17.01
CA VAL A 221 9.23 5.19 -17.01
C VAL A 221 8.11 5.20 -18.08
N LEU A 222 8.38 4.67 -19.30
CA LEU A 222 7.36 4.56 -20.36
C LEU A 222 6.16 3.77 -19.84
N TYR A 223 6.42 2.65 -19.11
CA TYR A 223 5.40 1.79 -18.52
C TYR A 223 4.51 2.63 -17.60
N GLU A 224 5.13 3.38 -16.68
CA GLU A 224 4.45 4.25 -15.73
C GLU A 224 3.57 5.29 -16.42
N LEU A 225 4.07 5.87 -17.53
CA LEU A 225 3.33 6.88 -18.29
C LEU A 225 2.09 6.27 -18.96
N MET A 226 2.24 5.08 -19.56
CA MET A 226 1.17 4.41 -20.31
C MET A 226 0.18 3.62 -19.45
N THR A 227 0.54 3.25 -18.22
CA THR A 227 -0.36 2.52 -17.31
C THR A 227 -0.87 3.40 -16.17
N GLY A 228 -0.07 4.40 -15.77
CA GLY A 228 -0.35 5.30 -14.66
C GLY A 228 -0.05 4.62 -13.34
N GLN A 229 0.67 3.49 -13.41
CA GLN A 229 1.00 2.62 -12.30
C GLN A 229 2.47 2.17 -12.28
N LEU A 230 2.91 1.71 -11.10
CA LEU A 230 4.25 1.17 -10.87
C LEU A 230 4.23 -0.33 -11.17
N PRO A 231 5.32 -0.90 -11.73
CA PRO A 231 5.32 -2.33 -12.01
C PRO A 231 5.31 -3.19 -10.75
N TYR A 232 4.89 -4.47 -10.92
CA TYR A 232 4.84 -5.54 -9.91
C TYR A 232 4.03 -5.14 -8.66
N SER A 233 2.91 -4.44 -8.88
CA SER A 233 2.00 -3.96 -7.82
C SER A 233 1.33 -5.09 -7.04
N ASN A 234 1.18 -6.27 -7.67
CA ASN A 234 0.58 -7.46 -7.07
C ASN A 234 1.55 -8.24 -6.12
N ILE A 235 2.82 -7.79 -6.01
CA ILE A 235 3.84 -8.41 -5.16
C ILE A 235 4.16 -7.47 -3.98
N ASN A 236 4.12 -8.02 -2.75
CA ASN A 236 4.39 -7.30 -1.51
C ASN A 236 5.75 -7.66 -0.88
N ASN A 237 6.70 -8.14 -1.69
CA ASN A 237 8.03 -8.53 -1.20
C ASN A 237 9.13 -8.00 -2.10
N ARG A 238 9.96 -7.09 -1.56
CA ARG A 238 11.07 -6.45 -2.27
C ARG A 238 12.13 -7.48 -2.70
N ASP A 239 12.44 -8.44 -1.79
CA ASP A 239 13.41 -9.49 -2.06
C ASP A 239 12.93 -10.38 -3.21
N GLN A 240 11.63 -10.73 -3.25
CA GLN A 240 11.08 -11.57 -4.30
C GLN A 240 11.09 -10.87 -5.63
N ILE A 241 10.81 -9.54 -5.66
CA ILE A 241 10.86 -8.71 -6.87
C ILE A 241 12.31 -8.71 -7.38
N ILE A 242 13.28 -8.34 -6.50
CA ILE A 242 14.71 -8.34 -6.81
C ILE A 242 15.13 -9.69 -7.43
N PHE A 243 14.90 -10.82 -6.72
CA PHE A 243 15.29 -12.14 -7.17
C PHE A 243 14.78 -12.46 -8.56
N MET A 244 13.45 -12.32 -8.74
CA MET A 244 12.72 -12.65 -9.95
C MET A 244 13.03 -11.78 -11.15
N VAL A 245 13.16 -10.45 -10.96
CA VAL A 245 13.49 -9.54 -12.06
C VAL A 245 14.88 -9.88 -12.62
N GLY A 246 15.84 -10.02 -11.70
CA GLY A 246 17.23 -10.37 -12.01
C GLY A 246 17.34 -11.69 -12.74
N ARG A 247 16.52 -12.69 -12.33
CA ARG A 247 16.50 -14.03 -12.94
CA ARG A 247 16.47 -14.03 -12.92
C ARG A 247 15.63 -14.09 -14.20
N GLY A 248 15.00 -12.98 -14.56
CA GLY A 248 14.15 -12.90 -15.74
C GLY A 248 12.82 -13.61 -15.64
N TYR A 249 12.38 -13.99 -14.42
CA TYR A 249 11.10 -14.68 -14.21
C TYR A 249 9.96 -13.67 -14.20
N LEU A 250 10.24 -12.46 -13.74
CA LEU A 250 9.28 -11.37 -13.59
C LEU A 250 9.63 -10.19 -14.52
N SER A 251 8.58 -9.64 -15.15
CA SER A 251 8.68 -8.52 -16.08
C SER A 251 7.38 -7.69 -16.03
N PRO A 252 7.40 -6.37 -16.34
CA PRO A 252 6.15 -5.58 -16.29
C PRO A 252 5.02 -6.13 -17.15
N ASP A 253 3.78 -6.09 -16.61
CA ASP A 253 2.56 -6.56 -17.27
C ASP A 253 2.13 -5.52 -18.29
N LEU A 254 2.54 -5.72 -19.54
CA LEU A 254 2.26 -4.82 -20.65
C LEU A 254 0.77 -4.74 -21.03
N SER A 255 -0.06 -5.72 -20.61
CA SER A 255 -1.51 -5.75 -20.84
C SER A 255 -2.23 -4.61 -20.09
N LYS A 256 -1.54 -3.99 -19.13
CA LYS A 256 -2.03 -2.91 -18.28
C LYS A 256 -1.98 -1.53 -18.96
N VAL A 257 -1.34 -1.42 -20.14
CA VAL A 257 -1.28 -0.15 -20.88
C VAL A 257 -2.67 0.33 -21.29
N ARG A 258 -2.88 1.66 -21.27
CA ARG A 258 -4.14 2.32 -21.62
C ARG A 258 -4.60 1.92 -23.03
N SER A 259 -5.93 1.94 -23.25
CA SER A 259 -6.57 1.63 -24.54
C SER A 259 -6.13 2.59 -25.66
N ASN A 260 -5.89 3.86 -25.30
CA ASN A 260 -5.46 4.94 -26.20
C ASN A 260 -3.95 4.96 -26.45
N CYS A 261 -3.20 4.01 -25.84
CA CYS A 261 -1.75 3.90 -26.02
C CYS A 261 -1.44 3.36 -27.43
N PRO A 262 -0.66 4.10 -28.25
CA PRO A 262 -0.34 3.62 -29.60
C PRO A 262 0.38 2.28 -29.60
N LYS A 263 0.14 1.46 -30.65
CA LYS A 263 0.74 0.13 -30.82
C LYS A 263 2.26 0.22 -30.84
N ALA A 264 2.81 1.25 -31.52
CA ALA A 264 4.23 1.51 -31.64
C ALA A 264 4.86 1.90 -30.29
N MET A 265 4.07 2.56 -29.40
CA MET A 265 4.51 2.96 -28.06
C MET A 265 4.70 1.72 -27.18
N LYS A 266 3.72 0.81 -27.24
CA LYS A 266 3.72 -0.46 -26.51
C LYS A 266 4.85 -1.34 -27.07
N ARG A 267 5.12 -1.24 -28.39
CA ARG A 267 6.19 -1.97 -29.08
C ARG A 267 7.58 -1.47 -28.64
N LEU A 268 7.75 -0.13 -28.53
CA LEU A 268 8.99 0.53 -28.11
C LEU A 268 9.31 0.19 -26.67
N MET A 269 8.28 0.16 -25.82
CA MET A 269 8.33 -0.18 -24.40
C MET A 269 8.92 -1.57 -24.24
N ALA A 270 8.39 -2.53 -25.02
CA ALA A 270 8.82 -3.93 -25.04
C ALA A 270 10.30 -4.06 -25.38
N GLU A 271 10.77 -3.28 -26.38
CA GLU A 271 12.15 -3.24 -26.84
C GLU A 271 13.09 -2.67 -25.77
N CYS A 272 12.67 -1.62 -25.07
CA CYS A 272 13.46 -1.00 -24.02
C CYS A 272 13.58 -1.90 -22.81
N LEU A 273 12.56 -2.75 -22.56
CA LEU A 273 12.52 -3.61 -21.38
C LEU A 273 13.11 -5.01 -21.58
N LYS A 274 13.75 -5.28 -22.76
CA LYS A 274 14.37 -6.57 -23.09
C LYS A 274 15.29 -7.00 -21.96
N LYS A 275 15.21 -8.27 -21.54
CA LYS A 275 16.02 -8.83 -20.45
C LYS A 275 17.50 -8.84 -20.83
N LYS A 276 17.78 -9.15 -22.12
CA LYS A 276 19.13 -9.16 -22.67
C LYS A 276 19.49 -7.73 -23.06
N ARG A 277 20.44 -7.09 -22.32
CA ARG A 277 20.85 -5.68 -22.55
C ARG A 277 21.13 -5.36 -24.01
N ASP A 278 21.79 -6.30 -24.73
CA ASP A 278 22.16 -6.18 -26.14
C ASP A 278 20.95 -6.03 -27.08
N GLU A 279 19.80 -6.62 -26.71
CA GLU A 279 18.53 -6.57 -27.46
C GLU A 279 17.80 -5.19 -27.34
N ARG A 280 18.32 -4.28 -26.49
CA ARG A 280 17.68 -2.97 -26.27
C ARG A 280 18.14 -1.94 -27.27
N PRO A 281 17.21 -1.06 -27.73
CA PRO A 281 17.63 0.00 -28.64
C PRO A 281 18.34 1.11 -27.87
N LEU A 282 19.11 1.94 -28.57
CA LEU A 282 19.77 3.08 -27.92
C LEU A 282 18.91 4.34 -28.13
N PHE A 283 19.21 5.42 -27.40
CA PHE A 283 18.39 6.61 -27.43
C PHE A 283 18.26 7.31 -28.79
N PRO A 284 19.25 7.33 -29.73
CA PRO A 284 18.96 7.95 -31.04
C PRO A 284 17.79 7.26 -31.74
N GLN A 285 17.73 5.91 -31.64
CA GLN A 285 16.67 5.05 -32.20
C GLN A 285 15.36 5.21 -31.44
N ILE A 286 15.43 5.31 -30.08
CA ILE A 286 14.29 5.50 -29.19
C ILE A 286 13.61 6.82 -29.53
N LEU A 287 14.42 7.89 -29.67
CA LEU A 287 13.98 9.25 -30.00
C LEU A 287 13.24 9.29 -31.34
N ALA A 288 13.85 8.70 -32.38
CA ALA A 288 13.28 8.66 -33.72
C ALA A 288 11.91 8.01 -33.69
N SER A 289 11.76 6.92 -32.91
CA SER A 289 10.51 6.17 -32.79
C SER A 289 9.41 7.00 -32.13
N ILE A 290 9.74 7.78 -31.08
CA ILE A 290 8.78 8.64 -30.38
C ILE A 290 8.41 9.83 -31.26
N GLU A 291 9.42 10.47 -31.88
CA GLU A 291 9.22 11.63 -32.74
C GLU A 291 8.27 11.34 -33.90
N LEU A 292 8.40 10.13 -34.50
CA LEU A 292 7.56 9.63 -35.59
C LEU A 292 6.15 9.36 -35.07
N LEU A 293 6.05 8.80 -33.86
CA LEU A 293 4.80 8.47 -33.18
C LEU A 293 4.00 9.76 -32.90
N ALA A 294 4.71 10.79 -32.40
CA ALA A 294 4.18 12.10 -32.04
C ALA A 294 3.46 12.80 -33.18
N ARG A 295 3.90 12.61 -34.44
CA ARG A 295 3.26 13.24 -35.60
C ARG A 295 2.14 12.38 -36.22
N SER A 296 2.32 11.04 -36.16
CA SER A 296 1.38 10.04 -36.68
C SER A 296 0.09 9.96 -35.86
N LEU A 297 0.06 10.63 -34.69
CA LEU A 297 -1.09 10.66 -33.79
C LEU A 297 -2.14 11.72 -34.19
N PRO A 298 -3.43 11.32 -34.40
CA PRO A 298 -4.45 12.30 -34.79
C PRO A 298 -5.11 12.99 -33.59
N ASP B 30 33.45 -31.67 15.80
CA ASP B 30 33.30 -30.71 14.71
C ASP B 30 31.87 -30.63 14.16
N TRP B 31 31.51 -29.44 13.63
CA TRP B 31 30.21 -29.12 13.08
C TRP B 31 30.15 -29.15 11.56
N GLU B 32 31.18 -29.71 10.93
CA GLU B 32 31.23 -29.84 9.48
C GLU B 32 30.34 -30.98 9.05
N ILE B 33 29.41 -30.68 8.13
CA ILE B 33 28.50 -31.67 7.55
C ILE B 33 29.20 -32.27 6.33
N PRO B 34 29.25 -33.62 6.23
CA PRO B 34 29.87 -34.25 5.04
C PRO B 34 29.18 -33.87 3.71
N ASP B 35 29.98 -33.71 2.64
CA ASP B 35 29.48 -33.38 1.30
C ASP B 35 28.62 -34.54 0.81
N GLY B 36 27.56 -34.21 0.08
CA GLY B 36 26.63 -35.18 -0.47
C GLY B 36 25.65 -35.71 0.56
N GLN B 37 25.22 -34.87 1.49
CA GLN B 37 24.24 -35.23 2.50
C GLN B 37 23.05 -34.28 2.47
N ILE B 38 23.33 -32.98 2.30
CA ILE B 38 22.31 -31.94 2.25
C ILE B 38 21.69 -31.89 0.86
N THR B 39 20.36 -31.78 0.82
CA THR B 39 19.55 -31.60 -0.39
C THR B 39 19.03 -30.16 -0.27
N VAL B 40 19.34 -29.30 -1.24
CA VAL B 40 18.93 -27.90 -1.21
C VAL B 40 17.71 -27.71 -2.13
N GLY B 41 16.65 -27.10 -1.59
CA GLY B 41 15.39 -26.87 -2.28
C GLY B 41 15.05 -25.43 -2.59
N GLN B 42 13.80 -25.04 -2.28
CA GLN B 42 13.24 -23.73 -2.58
C GLN B 42 13.98 -22.56 -1.93
N ARG B 43 14.25 -21.50 -2.73
CA ARG B 43 14.88 -20.26 -2.26
C ARG B 43 13.87 -19.46 -1.46
N ILE B 44 14.18 -19.21 -0.18
CA ILE B 44 13.31 -18.49 0.76
C ILE B 44 13.53 -16.97 0.67
N GLY B 45 14.78 -16.55 0.55
CA GLY B 45 15.13 -15.14 0.44
C GLY B 45 16.51 -14.78 0.97
N SER B 46 16.75 -13.48 1.19
CA SER B 46 18.01 -12.96 1.71
C SER B 46 17.74 -11.97 2.83
N GLY B 47 18.52 -12.11 3.92
CA GLY B 47 18.45 -11.23 5.08
C GLY B 47 19.58 -10.23 5.11
N SER B 48 20.13 -9.96 6.32
CA SER B 48 21.25 -9.03 6.50
C SER B 48 22.48 -9.50 5.72
N PHE B 49 22.64 -10.83 5.61
CA PHE B 49 23.72 -11.49 4.90
C PHE B 49 23.28 -12.87 4.42
N GLY B 50 23.81 -13.28 3.27
CA GLY B 50 23.56 -14.58 2.66
C GLY B 50 22.15 -14.85 2.17
N THR B 51 21.99 -15.95 1.41
CA THR B 51 20.72 -16.39 0.84
C THR B 51 20.27 -17.70 1.50
N VAL B 52 19.01 -17.71 1.96
CA VAL B 52 18.36 -18.82 2.65
C VAL B 52 17.55 -19.69 1.68
N TYR B 53 17.72 -21.01 1.80
CA TYR B 53 17.04 -22.02 1.01
C TYR B 53 16.48 -23.07 1.96
N LYS B 54 15.28 -23.62 1.68
CA LYS B 54 14.75 -24.72 2.49
C LYS B 54 15.56 -25.93 2.03
N GLY B 55 15.99 -26.73 2.99
CA GLY B 55 16.79 -27.91 2.69
C GLY B 55 16.36 -29.14 3.45
N LYS B 56 17.02 -30.24 3.13
CA LYS B 56 16.77 -31.51 3.77
C LYS B 56 18.09 -32.11 4.25
N TRP B 57 18.17 -32.35 5.55
CA TRP B 57 19.30 -32.98 6.22
C TRP B 57 18.82 -33.40 7.60
N HIS B 58 18.43 -34.69 7.74
CA HIS B 58 17.82 -35.29 8.93
C HIS B 58 16.53 -34.53 9.21
N GLY B 59 15.72 -34.39 8.13
CA GLY B 59 14.47 -33.65 8.11
C GLY B 59 14.66 -32.27 7.54
N ASP B 60 13.61 -31.43 7.64
CA ASP B 60 13.60 -30.04 7.17
C ASP B 60 14.60 -29.20 7.92
N VAL B 61 15.46 -28.49 7.18
CA VAL B 61 16.49 -27.58 7.70
C VAL B 61 16.48 -26.30 6.85
N ALA B 62 17.15 -25.23 7.33
CA ALA B 62 17.33 -23.98 6.60
C ALA B 62 18.82 -23.92 6.22
N VAL B 63 19.11 -23.58 4.96
CA VAL B 63 20.46 -23.53 4.41
C VAL B 63 20.82 -22.08 4.00
N LYS B 64 21.65 -21.39 4.81
CA LYS B 64 22.09 -20.03 4.55
C LYS B 64 23.42 -20.06 3.82
N MET B 65 23.40 -19.74 2.51
CA MET B 65 24.59 -19.69 1.66
C MET B 65 25.33 -18.39 1.94
N LEU B 66 26.66 -18.47 2.09
CA LEU B 66 27.54 -17.31 2.31
C LEU B 66 28.95 -17.51 1.74
N THR B 67 29.75 -16.43 1.79
CA THR B 67 31.15 -16.40 1.34
C THR B 67 32.05 -16.59 2.58
N PRO B 68 33.31 -17.09 2.44
CA PRO B 68 34.18 -17.25 3.62
C PRO B 68 34.40 -15.94 4.40
N GLN B 69 34.39 -14.79 3.68
CA GLN B 69 34.55 -13.45 4.25
C GLN B 69 33.33 -13.13 5.11
N GLN B 70 32.12 -13.52 4.63
CA GLN B 70 30.86 -13.33 5.35
C GLN B 70 30.84 -14.17 6.64
N LEU B 71 31.24 -15.48 6.58
CA LEU B 71 31.28 -16.39 7.73
C LEU B 71 32.28 -15.95 8.79
N GLN B 72 33.50 -15.55 8.37
CA GLN B 72 34.58 -15.10 9.26
C GLN B 72 34.17 -13.86 10.04
N ALA B 73 33.50 -12.91 9.37
CA ALA B 73 33.04 -11.67 9.99
C ALA B 73 31.95 -11.98 11.01
N PHE B 74 30.96 -12.81 10.61
CA PHE B 74 29.85 -13.22 11.46
C PHE B 74 30.36 -13.91 12.73
N LYS B 75 31.41 -14.73 12.61
CA LYS B 75 32.06 -15.40 13.72
C LYS B 75 32.80 -14.40 14.62
N ASN B 76 33.22 -13.24 14.08
CA ASN B 76 34.00 -12.26 14.84
C ASN B 76 33.22 -11.04 15.37
N GLU B 77 32.12 -10.61 14.71
CA GLU B 77 31.37 -9.44 15.17
C GLU B 77 29.96 -9.77 15.73
N VAL B 78 29.47 -11.00 15.51
CA VAL B 78 28.18 -11.44 16.07
C VAL B 78 28.43 -12.66 16.98
N GLY B 79 28.85 -13.78 16.38
CA GLY B 79 29.19 -15.01 17.07
C GLY B 79 28.05 -15.82 17.66
N VAL B 80 26.86 -15.81 17.03
CA VAL B 80 25.69 -16.58 17.52
C VAL B 80 25.90 -18.08 17.29
N LEU B 81 26.59 -18.42 16.19
CA LEU B 81 27.04 -19.75 15.80
C LEU B 81 27.96 -20.20 16.92
N ARG B 82 27.52 -21.18 17.72
CA ARG B 82 28.27 -21.69 18.87
C ARG B 82 28.56 -20.56 19.91
N LYS B 83 27.50 -20.16 20.63
CA LYS B 83 27.36 -19.17 21.72
C LYS B 83 25.88 -19.16 22.13
N THR B 84 24.97 -19.33 21.14
CA THR B 84 23.54 -19.43 21.39
C THR B 84 23.09 -20.88 21.41
N ARG B 85 22.36 -21.23 22.47
CA ARG B 85 21.73 -22.52 22.75
C ARG B 85 20.59 -22.13 23.70
N HIS B 86 19.49 -21.65 23.09
CA HIS B 86 18.31 -21.16 23.79
C HIS B 86 17.10 -21.38 22.89
N VAL B 87 15.97 -21.75 23.52
CA VAL B 87 14.69 -22.07 22.89
C VAL B 87 14.13 -20.91 22.04
N ASN B 88 14.46 -19.64 22.38
CA ASN B 88 13.95 -18.48 21.67
C ASN B 88 14.91 -17.95 20.62
N ILE B 89 16.03 -18.65 20.41
CA ILE B 89 17.02 -18.28 19.39
C ILE B 89 17.09 -19.40 18.35
N LEU B 90 17.10 -19.03 17.05
CA LEU B 90 17.20 -19.98 15.95
C LEU B 90 18.42 -20.90 16.17
N LEU B 91 18.18 -22.22 16.17
CA LEU B 91 19.19 -23.23 16.46
C LEU B 91 20.13 -23.51 15.31
N PHE B 92 21.42 -23.28 15.53
CA PHE B 92 22.47 -23.60 14.55
C PHE B 92 22.64 -25.14 14.58
N MET B 93 22.85 -25.76 13.41
CA MET B 93 22.98 -27.22 13.32
C MET B 93 24.31 -27.73 12.83
N GLY B 94 24.94 -26.97 11.95
CA GLY B 94 26.23 -27.30 11.35
C GLY B 94 26.49 -26.46 10.13
N TYR B 95 27.60 -26.74 9.44
CA TYR B 95 27.96 -26.01 8.24
C TYR B 95 28.43 -26.95 7.15
N SER B 96 28.19 -26.55 5.90
CA SER B 96 28.59 -27.29 4.70
C SER B 96 29.72 -26.49 4.08
N THR B 97 30.75 -27.18 3.61
CA THR B 97 31.92 -26.56 3.00
C THR B 97 31.92 -26.79 1.47
N LYS B 98 31.33 -27.92 1.04
CA LYS B 98 31.16 -28.32 -0.35
C LYS B 98 29.71 -28.84 -0.52
N PRO B 99 29.00 -28.62 -1.65
CA PRO B 99 29.42 -27.93 -2.90
C PRO B 99 29.76 -26.45 -2.70
N GLN B 100 28.98 -25.78 -1.84
CA GLN B 100 29.14 -24.37 -1.49
C GLN B 100 29.09 -24.21 0.03
N LEU B 101 29.78 -23.17 0.54
CA LEU B 101 29.83 -22.83 1.97
C LEU B 101 28.46 -22.32 2.42
N ALA B 102 27.87 -22.99 3.44
CA ALA B 102 26.55 -22.67 3.98
C ALA B 102 26.41 -23.00 5.47
N ILE B 103 25.56 -22.23 6.18
CA ILE B 103 25.24 -22.46 7.59
C ILE B 103 23.89 -23.18 7.58
N VAL B 104 23.82 -24.33 8.23
CA VAL B 104 22.60 -25.12 8.34
C VAL B 104 21.99 -24.86 9.71
N THR B 105 20.73 -24.42 9.73
CA THR B 105 19.99 -24.17 10.96
C THR B 105 18.70 -24.99 10.92
N GLN B 106 18.00 -25.10 12.06
CA GLN B 106 16.71 -25.77 12.18
C GLN B 106 15.70 -25.05 11.28
N TRP B 107 14.66 -25.77 10.85
CA TRP B 107 13.61 -25.16 10.03
C TRP B 107 12.40 -24.77 10.89
N CYS B 108 11.87 -23.55 10.68
CA CYS B 108 10.70 -23.05 11.39
C CYS B 108 9.46 -23.31 10.57
N GLU B 109 8.56 -24.12 11.15
CA GLU B 109 7.31 -24.45 10.51
C GLU B 109 6.29 -23.37 10.89
N GLY B 110 5.92 -22.56 9.91
CA GLY B 110 5.00 -21.46 10.11
C GLY B 110 5.46 -20.19 9.41
N SER B 111 5.18 -19.04 10.05
CA SER B 111 5.47 -17.72 9.50
C SER B 111 6.12 -16.80 10.53
N SER B 112 6.71 -15.68 10.04
CA SER B 112 7.30 -14.65 10.88
C SER B 112 6.17 -13.83 11.49
N LEU B 113 6.49 -13.00 12.47
CA LEU B 113 5.50 -12.14 13.12
C LEU B 113 4.95 -11.10 12.13
N TYR B 114 5.83 -10.58 11.24
CA TYR B 114 5.49 -9.61 10.19
C TYR B 114 4.41 -10.19 9.30
N HIS B 115 4.64 -11.41 8.80
CA HIS B 115 3.73 -12.13 7.94
C HIS B 115 2.37 -12.31 8.61
N HIS B 116 2.37 -12.75 9.88
CA HIS B 116 1.17 -12.94 10.67
C HIS B 116 0.39 -11.65 10.83
N LEU B 117 1.05 -10.58 11.27
CA LEU B 117 0.37 -9.32 11.54
C LEU B 117 -0.10 -8.55 10.30
N HIS B 118 0.80 -8.40 9.29
CA HIS B 118 0.61 -7.51 8.15
C HIS B 118 0.26 -8.18 6.82
N ILE B 119 0.64 -9.44 6.60
CA ILE B 119 0.33 -10.11 5.34
C ILE B 119 -0.98 -10.91 5.42
N ILE B 120 -1.09 -11.83 6.39
CA ILE B 120 -2.27 -12.69 6.54
C ILE B 120 -3.23 -12.20 7.64
N GLU B 121 -2.91 -11.08 8.32
CA GLU B 121 -3.72 -10.43 9.36
C GLU B 121 -4.29 -11.41 10.41
N THR B 122 -3.40 -12.20 11.04
CA THR B 122 -3.77 -13.16 12.08
C THR B 122 -4.26 -12.43 13.33
N LYS B 123 -5.48 -12.77 13.79
CA LYS B 123 -6.07 -12.14 14.97
C LYS B 123 -5.72 -12.97 16.23
N PHE B 124 -4.58 -12.63 16.87
CA PHE B 124 -4.14 -13.30 18.09
C PHE B 124 -4.86 -12.68 19.27
N GLU B 125 -5.14 -13.50 20.30
CA GLU B 125 -5.74 -13.05 21.55
C GLU B 125 -4.66 -12.24 22.29
N MET B 126 -5.07 -11.26 23.12
CA MET B 126 -4.15 -10.41 23.89
C MET B 126 -3.13 -11.24 24.69
N ILE B 127 -3.60 -12.33 25.32
CA ILE B 127 -2.78 -13.27 26.10
C ILE B 127 -1.63 -13.82 25.23
N LYS B 128 -1.91 -14.15 23.94
CA LYS B 128 -0.92 -14.65 22.98
C LYS B 128 0.05 -13.55 22.57
N LEU B 129 -0.45 -12.32 22.31
CA LEU B 129 0.36 -11.15 21.93
C LEU B 129 1.36 -10.82 23.04
N ILE B 130 0.92 -10.93 24.32
CA ILE B 130 1.76 -10.71 25.51
C ILE B 130 2.82 -11.83 25.58
N ASP B 131 2.42 -13.09 25.31
CA ASP B 131 3.32 -14.23 25.30
C ASP B 131 4.41 -14.09 24.22
N ILE B 132 4.05 -13.59 23.01
CA ILE B 132 5.00 -13.38 21.91
C ILE B 132 6.06 -12.35 22.33
N ALA B 133 5.62 -11.27 23.01
CA ALA B 133 6.49 -10.22 23.53
C ALA B 133 7.38 -10.80 24.64
N ARG B 134 6.78 -11.60 25.55
CA ARG B 134 7.48 -12.27 26.64
C ARG B 134 8.59 -13.18 26.11
N GLN B 135 8.28 -13.96 25.06
CA GLN B 135 9.22 -14.88 24.43
C GLN B 135 10.33 -14.14 23.69
N THR B 136 10.00 -13.03 23.00
CA THR B 136 10.97 -12.20 22.27
C THR B 136 11.95 -11.56 23.25
N ALA B 137 11.42 -10.94 24.34
CA ALA B 137 12.23 -10.31 25.38
C ALA B 137 13.11 -11.34 26.10
N GLN B 138 12.64 -12.61 26.21
CA GLN B 138 13.37 -13.71 26.82
C GLN B 138 14.63 -14.03 25.98
N GLY B 139 14.45 -14.11 24.65
CA GLY B 139 15.51 -14.40 23.70
C GLY B 139 16.51 -13.27 23.62
N MET B 140 16.01 -12.01 23.68
CA MET B 140 16.83 -10.80 23.63
C MET B 140 17.70 -10.64 24.85
N ASP B 141 17.15 -10.93 26.06
CA ASP B 141 17.90 -10.87 27.31
C ASP B 141 18.99 -11.92 27.30
N TYR B 142 18.73 -13.09 26.70
CA TYR B 142 19.73 -14.16 26.55
C TYR B 142 20.90 -13.63 25.74
N LEU B 143 20.61 -13.09 24.53
CA LEU B 143 21.60 -12.51 23.60
C LEU B 143 22.44 -11.44 24.28
N HIS B 144 21.76 -10.47 24.92
CA HIS B 144 22.41 -9.37 25.64
C HIS B 144 23.28 -9.88 26.79
N ALA B 145 22.86 -10.97 27.49
CA ALA B 145 23.63 -11.60 28.57
C ALA B 145 24.91 -12.26 28.04
N LYS B 146 24.87 -12.69 26.76
CA LYS B 146 26.00 -13.30 26.02
C LYS B 146 26.73 -12.20 25.21
N SER B 147 26.41 -10.90 25.51
CA SER B 147 26.94 -9.68 24.91
C SER B 147 26.81 -9.62 23.38
N ILE B 148 25.67 -10.11 22.87
CA ILE B 148 25.37 -10.10 21.45
C ILE B 148 24.29 -9.06 21.18
N ILE B 149 24.59 -8.11 20.28
CA ILE B 149 23.64 -7.09 19.81
C ILE B 149 23.17 -7.60 18.46
N HIS B 150 21.83 -7.73 18.31
CA HIS B 150 21.21 -8.22 17.09
C HIS B 150 21.52 -7.32 15.89
N ARG B 151 21.38 -5.98 16.08
CA ARG B 151 21.63 -4.88 15.14
C ARG B 151 20.59 -4.80 13.98
N ASP B 152 19.68 -5.80 13.85
CA ASP B 152 18.64 -5.80 12.81
C ASP B 152 17.36 -6.56 13.23
N LEU B 153 16.86 -6.35 14.46
CA LEU B 153 15.66 -7.03 14.96
C LEU B 153 14.41 -6.40 14.39
N LYS B 154 13.54 -7.23 13.79
CA LYS B 154 12.28 -6.82 13.17
C LYS B 154 11.23 -7.93 13.38
N SER B 155 9.99 -7.67 13.01
CA SER B 155 8.92 -8.64 13.08
C SER B 155 9.16 -9.78 12.05
N ASN B 156 9.95 -9.53 10.97
CA ASN B 156 10.25 -10.57 9.97
C ASN B 156 11.47 -11.43 10.35
N ASN B 157 11.96 -11.25 11.60
CA ASN B 157 13.08 -11.96 12.22
C ASN B 157 12.60 -12.78 13.41
N ILE B 158 11.38 -12.49 13.91
CA ILE B 158 10.73 -13.20 15.01
C ILE B 158 9.89 -14.26 14.32
N PHE B 159 10.41 -15.48 14.24
CA PHE B 159 9.73 -16.58 13.57
C PHE B 159 8.86 -17.33 14.56
N LEU B 160 7.57 -17.45 14.23
CA LEU B 160 6.64 -18.17 15.08
C LEU B 160 6.63 -19.66 14.71
N HIS B 161 7.56 -20.41 15.30
CA HIS B 161 7.69 -21.84 15.07
C HIS B 161 6.48 -22.57 15.66
N GLU B 162 5.78 -23.33 14.78
CA GLU B 162 4.55 -24.10 15.08
C GLU B 162 3.47 -23.21 15.69
N ASP B 163 3.49 -21.91 15.32
CA ASP B 163 2.62 -20.81 15.77
C ASP B 163 2.57 -20.68 17.32
N LEU B 164 3.63 -21.14 18.03
CA LEU B 164 3.72 -21.07 19.49
C LEU B 164 5.04 -20.50 19.98
N THR B 165 6.18 -21.08 19.52
CA THR B 165 7.52 -20.69 19.96
C THR B 165 8.19 -19.64 19.08
N VAL B 166 8.61 -18.51 19.69
CA VAL B 166 9.31 -17.41 19.02
C VAL B 166 10.76 -17.85 18.83
N LYS B 167 11.30 -17.70 17.61
CA LYS B 167 12.68 -18.02 17.30
C LYS B 167 13.28 -16.79 16.64
N ILE B 168 14.24 -16.13 17.33
CA ILE B 168 14.93 -14.95 16.83
C ILE B 168 16.08 -15.36 15.92
N GLY B 169 16.09 -14.82 14.71
CA GLY B 169 17.12 -15.07 13.72
C GLY B 169 17.46 -13.83 12.92
N ASP B 170 18.15 -14.02 11.79
CA ASP B 170 18.58 -12.98 10.85
C ASP B 170 19.39 -11.84 11.50
N PHE B 171 20.49 -12.21 12.15
CA PHE B 171 21.39 -11.28 12.82
C PHE B 171 22.07 -10.35 11.85
N GLY B 172 22.16 -9.08 12.25
CA GLY B 172 22.75 -8.01 11.47
C GLY B 172 24.25 -8.16 11.36
N LEU B 173 24.75 -8.10 10.11
CA LEU B 173 26.17 -8.17 9.74
C LEU B 173 26.48 -7.01 8.77
N ALA B 174 27.45 -6.14 9.15
CA ALA B 174 27.89 -5.02 8.33
C ALA B 174 28.65 -5.61 7.12
N THR B 175 27.98 -5.60 5.96
CA THR B 175 28.49 -6.14 4.68
C THR B 175 28.99 -5.04 3.75
N VAL B 176 28.71 -3.77 4.10
CA VAL B 176 29.08 -2.61 3.30
C VAL B 176 29.84 -1.55 4.13
N LYS B 177 30.75 -0.81 3.45
CA LYS B 177 31.62 0.26 3.96
C LYS B 177 31.31 1.57 3.17
N SER B 178 31.28 2.74 3.86
CA SER B 178 30.98 4.02 3.20
C SER B 178 32.21 4.74 2.63
N ARG B 179 32.51 4.48 1.34
CA ARG B 179 33.59 5.09 0.55
C ARG B 179 33.56 4.58 -0.89
N SER B 190 19.04 1.06 1.64
CA SER B 190 18.38 -0.14 1.10
C SER B 190 18.14 -1.20 2.22
N GLY B 191 17.34 -0.80 3.22
CA GLY B 191 16.97 -1.63 4.36
C GLY B 191 15.70 -1.21 5.07
N SER B 192 15.32 -2.00 6.10
CA SER B 192 14.12 -1.77 6.91
C SER B 192 14.40 -0.76 8.05
N ILE B 193 13.94 0.47 7.83
CA ILE B 193 14.15 1.63 8.70
C ILE B 193 13.13 1.78 9.86
N LEU B 194 11.93 1.18 9.73
CA LEU B 194 10.85 1.30 10.73
C LEU B 194 11.26 0.94 12.17
N TRP B 195 12.26 0.03 12.32
CA TRP B 195 12.76 -0.46 13.60
C TRP B 195 14.04 0.24 14.08
N MET B 196 14.62 1.12 13.24
CA MET B 196 15.84 1.85 13.56
C MET B 196 15.60 2.98 14.54
N ALA B 197 16.40 2.99 15.62
CA ALA B 197 16.38 4.01 16.66
C ALA B 197 16.84 5.35 16.05
N PRO B 198 16.36 6.52 16.55
CA PRO B 198 16.81 7.80 15.98
C PRO B 198 18.32 7.91 15.81
N GLU B 199 19.13 7.50 16.83
CA GLU B 199 20.60 7.52 16.77
C GLU B 199 21.19 6.60 15.70
N VAL B 200 20.48 5.51 15.33
CA VAL B 200 20.90 4.57 14.29
C VAL B 200 20.71 5.26 12.93
N ILE B 201 19.58 5.97 12.78
CA ILE B 201 19.23 6.73 11.57
C ILE B 201 20.19 7.92 11.37
N ARG B 202 20.47 8.67 12.45
CA ARG B 202 21.37 9.82 12.44
C ARG B 202 22.80 9.45 12.08
N MET B 203 23.32 8.29 12.55
CA MET B 203 24.68 7.80 12.26
C MET B 203 25.80 8.77 12.71
N GLN B 204 25.54 9.58 13.78
CA GLN B 204 26.51 10.57 14.31
C GLN B 204 27.84 9.94 14.75
N ASP B 205 27.75 8.75 15.39
CA ASP B 205 28.89 7.94 15.87
C ASP B 205 29.13 6.73 14.96
N LYS B 206 30.39 6.23 14.97
CA LYS B 206 30.90 5.12 14.15
C LYS B 206 29.99 3.92 14.23
N ASN B 207 29.70 3.45 15.46
CA ASN B 207 28.79 2.34 15.73
C ASN B 207 27.65 2.89 16.58
N PRO B 208 26.52 3.25 15.93
CA PRO B 208 25.37 3.78 16.68
C PRO B 208 24.61 2.69 17.45
N TYR B 209 24.93 1.42 17.17
CA TYR B 209 24.32 0.22 17.72
C TYR B 209 24.69 0.00 19.19
N SER B 210 23.67 -0.32 20.00
CA SER B 210 23.78 -0.57 21.43
C SER B 210 22.71 -1.59 21.83
N PHE B 211 22.69 -1.97 23.12
CA PHE B 211 21.63 -2.83 23.64
C PHE B 211 20.33 -2.01 23.59
N GLN B 212 20.45 -0.68 23.79
CA GLN B 212 19.35 0.30 23.76
C GLN B 212 18.72 0.44 22.38
N SER B 213 19.55 0.32 21.32
CA SER B 213 19.07 0.37 19.94
C SER B 213 18.24 -0.90 19.69
N ASP B 214 18.64 -2.06 20.30
CA ASP B 214 17.89 -3.32 20.20
C ASP B 214 16.56 -3.19 20.92
N VAL B 215 16.56 -2.45 22.05
CA VAL B 215 15.37 -2.16 22.88
C VAL B 215 14.35 -1.35 22.05
N TYR B 216 14.82 -0.32 21.30
CA TYR B 216 13.97 0.49 20.43
C TYR B 216 13.31 -0.40 19.38
N ALA B 217 14.09 -1.29 18.73
CA ALA B 217 13.59 -2.20 17.71
C ALA B 217 12.50 -3.10 18.28
N PHE B 218 12.67 -3.54 19.55
CA PHE B 218 11.69 -4.35 20.29
C PHE B 218 10.44 -3.52 20.58
N GLY B 219 10.64 -2.23 20.86
CA GLY B 219 9.57 -1.26 21.11
C GLY B 219 8.61 -1.16 19.94
N ILE B 220 9.16 -1.13 18.70
CA ILE B 220 8.39 -1.10 17.45
C ILE B 220 7.67 -2.42 17.30
N VAL B 221 8.33 -3.54 17.64
CA VAL B 221 7.71 -4.88 17.58
C VAL B 221 6.49 -4.91 18.55
N LEU B 222 6.66 -4.38 19.80
CA LEU B 222 5.56 -4.28 20.76
C LEU B 222 4.40 -3.48 20.14
N TYR B 223 4.74 -2.37 19.45
CA TYR B 223 3.77 -1.51 18.78
C TYR B 223 2.96 -2.33 17.79
N GLU B 224 3.64 -3.08 16.91
CA GLU B 224 3.02 -3.94 15.90
C GLU B 224 2.09 -4.98 16.52
N LEU B 225 2.48 -5.57 17.66
CA LEU B 225 1.66 -6.57 18.34
C LEU B 225 0.38 -5.96 18.91
N MET B 226 0.50 -4.78 19.53
CA MET B 226 -0.61 -4.10 20.19
C MET B 226 -1.52 -3.28 19.27
N THR B 227 -1.05 -2.91 18.06
CA THR B 227 -1.87 -2.16 17.09
C THR B 227 -2.30 -3.02 15.91
N GLY B 228 -1.49 -4.04 15.59
CA GLY B 228 -1.68 -4.94 14.45
C GLY B 228 -1.26 -4.27 13.16
N GLN B 229 -0.54 -3.13 13.30
CA GLN B 229 -0.10 -2.25 12.22
C GLN B 229 1.36 -1.83 12.32
N LEU B 230 1.90 -1.36 11.19
CA LEU B 230 3.27 -0.86 11.10
C LEU B 230 3.25 0.63 11.40
N PRO B 231 4.30 1.19 12.05
CA PRO B 231 4.30 2.63 12.32
C PRO B 231 4.37 3.48 11.05
N TYR B 232 3.93 4.76 11.16
CA TYR B 232 4.00 5.79 10.12
C TYR B 232 3.27 5.41 8.84
N SER B 233 2.14 4.66 8.97
CA SER B 233 1.31 4.18 7.86
C SER B 233 0.69 5.31 7.03
N ASN B 234 0.51 6.49 7.66
CA ASN B 234 -0.05 7.69 7.03
C ASN B 234 0.98 8.47 6.19
N ILE B 235 2.25 8.03 6.18
CA ILE B 235 3.35 8.63 5.41
C ILE B 235 3.78 7.68 4.29
N ASN B 236 3.82 8.20 3.04
CA ASN B 236 4.20 7.47 1.84
C ASN B 236 5.60 7.83 1.31
N ASN B 237 6.49 8.35 2.20
CA ASN B 237 7.84 8.76 1.81
C ASN B 237 8.87 8.24 2.79
N ARG B 238 9.75 7.33 2.31
CA ARG B 238 10.81 6.69 3.11
C ARG B 238 11.82 7.72 3.60
N ASP B 239 12.19 8.67 2.73
CA ASP B 239 13.15 9.73 3.05
C ASP B 239 12.59 10.63 4.16
N GLN B 240 11.29 10.99 4.09
CA GLN B 240 10.65 11.84 5.09
C GLN B 240 10.56 11.12 6.43
N ILE B 241 10.27 9.80 6.43
CA ILE B 241 10.23 8.99 7.65
C ILE B 241 11.63 8.99 8.28
N ILE B 242 12.66 8.62 7.48
CA ILE B 242 14.07 8.61 7.91
C ILE B 242 14.43 9.95 8.56
N PHE B 243 14.27 11.08 7.82
CA PHE B 243 14.61 12.42 8.30
C PHE B 243 13.98 12.75 9.64
N MET B 244 12.64 12.59 9.71
CA MET B 244 11.80 12.93 10.86
C MET B 244 12.00 12.06 12.07
N VAL B 245 12.15 10.73 11.91
CA VAL B 245 12.37 9.83 13.04
C VAL B 245 13.72 10.17 13.71
N GLY B 246 14.77 10.31 12.90
CA GLY B 246 16.11 10.66 13.33
C GLY B 246 16.16 11.99 14.05
N ARG B 247 15.39 12.98 13.55
CA ARG B 247 15.29 14.31 14.13
C ARG B 247 14.31 14.40 15.31
N GLY B 248 13.65 13.28 15.62
CA GLY B 248 12.70 13.20 16.73
C GLY B 248 11.39 13.93 16.52
N TYR B 249 11.05 14.30 15.27
CA TYR B 249 9.79 14.99 14.95
C TYR B 249 8.66 13.98 14.82
N LEU B 250 9.00 12.75 14.41
CA LEU B 250 8.05 11.67 14.19
C LEU B 250 8.31 10.51 15.14
N SER B 251 7.24 9.94 15.69
CA SER B 251 7.29 8.81 16.61
C SER B 251 6.00 7.97 16.47
N PRO B 252 5.99 6.65 16.80
CA PRO B 252 4.75 5.87 16.64
C PRO B 252 3.56 6.42 17.42
N ASP B 253 2.38 6.39 16.77
CA ASP B 253 1.12 6.86 17.32
C ASP B 253 0.59 5.83 18.30
N LEU B 254 0.90 6.03 19.59
CA LEU B 254 0.53 5.13 20.69
C LEU B 254 -0.99 5.06 20.94
N SER B 255 -1.77 6.05 20.43
CA SER B 255 -3.23 6.09 20.56
C SER B 255 -3.90 4.98 19.75
N LYS B 256 -3.13 4.35 18.85
CA LYS B 256 -3.56 3.27 17.96
C LYS B 256 -3.58 1.89 18.63
N VAL B 257 -3.04 1.77 19.87
CA VAL B 257 -3.03 0.49 20.59
C VAL B 257 -4.45 0.03 20.90
N ARG B 258 -4.67 -1.30 20.86
CA ARG B 258 -5.96 -1.95 21.12
C ARG B 258 -6.52 -1.56 22.48
N SER B 259 -7.87 -1.55 22.60
CA SER B 259 -8.59 -1.21 23.84
C SER B 259 -8.26 -2.19 24.98
N ASN B 260 -8.03 -3.49 24.63
CA ASN B 260 -7.68 -4.57 25.55
C ASN B 260 -6.18 -4.61 25.91
N CYS B 261 -5.38 -3.66 25.38
CA CYS B 261 -3.95 -3.58 25.67
C CYS B 261 -3.76 -3.05 27.10
N PRO B 262 -3.05 -3.81 27.98
CA PRO B 262 -2.85 -3.35 29.36
C PRO B 262 -2.10 -2.01 29.45
N LYS B 263 -2.44 -1.19 30.48
CA LYS B 263 -1.83 0.12 30.71
C LYS B 263 -0.31 0.01 30.85
N ALA B 264 0.16 -1.03 31.56
CA ALA B 264 1.58 -1.31 31.78
C ALA B 264 2.29 -1.70 30.48
N MET B 265 1.57 -2.34 29.53
CA MET B 265 2.13 -2.72 28.23
C MET B 265 2.38 -1.48 27.38
N LYS B 266 1.41 -0.56 27.37
CA LYS B 266 1.48 0.72 26.66
C LYS B 266 2.57 1.60 27.31
N ARG B 267 2.73 1.46 28.65
CA ARG B 267 3.73 2.19 29.43
C ARG B 267 5.14 1.69 29.08
N LEU B 268 5.33 0.34 28.99
CA LEU B 268 6.60 -0.31 28.66
C LEU B 268 7.03 0.05 27.25
N MET B 269 6.05 0.08 26.32
CA MET B 269 6.22 0.43 24.91
C MET B 269 6.82 1.81 24.80
N ALA B 270 6.24 2.77 25.54
CA ALA B 270 6.67 4.17 25.59
C ALA B 270 8.11 4.31 26.05
N GLU B 271 8.50 3.52 27.09
CA GLU B 271 9.84 3.49 27.66
C GLU B 271 10.86 2.91 26.66
N CYS B 272 10.49 1.85 25.94
CA CYS B 272 11.35 1.24 24.95
C CYS B 272 11.57 2.16 23.75
N LEU B 273 10.59 3.00 23.41
CA LEU B 273 10.63 3.88 22.25
C LEU B 273 11.20 5.28 22.51
N LYS B 274 11.75 5.52 23.72
CA LYS B 274 12.33 6.81 24.10
C LYS B 274 13.36 7.25 23.05
N LYS B 275 13.28 8.51 22.62
CA LYS B 275 14.18 9.09 21.63
C LYS B 275 15.64 9.10 22.14
N LYS B 276 15.85 9.47 23.41
CA LYS B 276 17.18 9.46 24.01
C LYS B 276 17.44 8.02 24.46
N ARG B 277 18.49 7.37 23.92
CA ARG B 277 18.86 5.95 24.18
C ARG B 277 19.05 5.63 25.66
N ASP B 278 19.63 6.56 26.44
CA ASP B 278 19.84 6.43 27.88
C ASP B 278 18.54 6.25 28.65
N GLU B 279 17.44 6.90 28.20
CA GLU B 279 16.11 6.82 28.80
C GLU B 279 15.40 5.47 28.57
N ARG B 280 15.99 4.56 27.75
CA ARG B 280 15.42 3.25 27.44
C ARG B 280 15.78 2.19 28.49
N PRO B 281 14.83 1.31 28.88
CA PRO B 281 15.19 0.25 29.84
C PRO B 281 15.94 -0.88 29.15
N LEU B 282 16.62 -1.73 29.92
CA LEU B 282 17.32 -2.88 29.33
C LEU B 282 16.43 -4.12 29.45
N PHE B 283 16.78 -5.21 28.74
CA PHE B 283 15.95 -6.40 28.70
C PHE B 283 15.69 -7.09 30.04
N PRO B 284 16.57 -7.12 31.08
CA PRO B 284 16.17 -7.74 32.36
C PRO B 284 14.91 -7.10 32.93
N GLN B 285 14.82 -5.75 32.88
CA GLN B 285 13.65 -5.00 33.38
C GLN B 285 12.46 -5.11 32.44
N ILE B 286 12.70 -5.13 31.11
CA ILE B 286 11.66 -5.27 30.07
C ILE B 286 10.94 -6.60 30.28
N LEU B 287 11.72 -7.68 30.37
CA LEU B 287 11.25 -9.05 30.56
C LEU B 287 10.52 -9.18 31.90
N ALA B 288 10.98 -8.47 32.94
CA ALA B 288 10.37 -8.49 34.28
C ALA B 288 9.01 -7.79 34.27
N SER B 289 8.87 -6.72 33.46
CA SER B 289 7.63 -5.97 33.31
C SER B 289 6.61 -6.84 32.61
N ILE B 290 7.04 -7.60 31.58
CA ILE B 290 6.17 -8.49 30.81
C ILE B 290 5.75 -9.70 31.64
N GLU B 291 6.68 -10.30 32.40
CA GLU B 291 6.39 -11.45 33.25
C GLU B 291 5.37 -11.11 34.33
N LEU B 292 5.49 -9.92 34.94
CA LEU B 292 4.56 -9.40 35.96
C LEU B 292 3.19 -9.12 35.33
N LEU B 293 3.19 -8.58 34.10
CA LEU B 293 2.00 -8.25 33.32
C LEU B 293 1.22 -9.54 33.01
N ALA B 294 1.95 -10.58 32.54
CA ALA B 294 1.44 -11.90 32.18
C ALA B 294 0.75 -12.61 33.37
N ARG B 295 1.27 -12.38 34.60
CA ARG B 295 0.79 -12.93 35.87
C ARG B 295 -0.58 -12.37 36.29
N SER B 296 -0.85 -11.08 35.98
CA SER B 296 -2.09 -10.40 36.33
C SER B 296 -2.95 -10.05 35.12
N LEU B 297 -3.72 -11.04 34.63
CA LEU B 297 -4.61 -10.86 33.48
C LEU B 297 -5.98 -11.53 33.68
N PRO B 298 -7.10 -10.86 33.27
CA PRO B 298 -8.43 -11.47 33.46
C PRO B 298 -8.66 -12.69 32.58
N ASP C 30 -30.77 50.84 9.09
CA ASP C 30 -29.40 50.59 9.53
C ASP C 30 -29.32 49.63 10.74
N TRP C 31 -28.08 49.24 11.16
CA TRP C 31 -27.81 48.28 12.25
C TRP C 31 -27.13 48.86 13.51
N GLU C 32 -27.00 50.20 13.60
CA GLU C 32 -26.37 50.91 14.72
C GLU C 32 -27.05 50.64 16.07
N ILE C 33 -26.29 50.03 17.01
CA ILE C 33 -26.77 49.72 18.36
C ILE C 33 -26.38 50.86 19.32
N PRO C 34 -27.33 51.39 20.14
CA PRO C 34 -26.99 52.45 21.10
C PRO C 34 -25.76 52.12 21.92
N ASP C 35 -24.84 53.09 21.93
CA ASP C 35 -23.52 53.07 22.53
C ASP C 35 -23.48 52.64 24.01
N GLY C 36 -24.27 53.32 24.85
CA GLY C 36 -24.34 53.06 26.28
C GLY C 36 -24.99 51.74 26.69
N GLN C 37 -25.90 51.21 25.83
CA GLN C 37 -26.66 49.98 26.07
C GLN C 37 -25.83 48.71 26.27
N ILE C 38 -24.93 48.39 25.32
CA ILE C 38 -24.09 47.18 25.32
C ILE C 38 -23.01 47.17 26.44
N THR C 39 -22.98 46.07 27.23
CA THR C 39 -22.03 45.82 28.33
C THR C 39 -21.23 44.54 28.02
N VAL C 40 -19.89 44.64 28.01
CA VAL C 40 -18.99 43.53 27.69
C VAL C 40 -18.47 42.81 28.94
N GLY C 41 -18.23 41.51 28.78
CA GLY C 41 -17.74 40.63 29.85
C GLY C 41 -16.49 39.85 29.51
N GLN C 42 -16.50 38.55 29.80
CA GLN C 42 -15.38 37.62 29.65
C GLN C 42 -14.85 37.49 28.22
N ARG C 43 -13.51 37.57 28.07
CA ARG C 43 -12.83 37.42 26.78
C ARG C 43 -12.84 35.94 26.41
N ILE C 44 -13.44 35.62 25.24
CA ILE C 44 -13.56 34.25 24.75
C ILE C 44 -12.34 33.83 23.92
N GLY C 45 -11.85 34.74 23.08
CA GLY C 45 -10.67 34.49 22.26
C GLY C 45 -10.61 35.28 20.97
N SER C 46 -9.73 34.87 20.04
CA SER C 46 -9.58 35.50 18.73
C SER C 46 -9.60 34.47 17.62
N GLY C 47 -10.31 34.77 16.55
CA GLY C 47 -10.42 33.92 15.37
C GLY C 47 -9.61 34.43 14.20
N SER C 48 -10.16 34.32 12.97
CA SER C 48 -9.52 34.80 11.73
C SER C 48 -9.31 36.29 11.80
N PHE C 49 -10.24 36.99 12.45
CA PHE C 49 -10.23 38.43 12.66
C PHE C 49 -10.98 38.80 13.93
N GLY C 50 -10.51 39.84 14.61
CA GLY C 50 -11.10 40.38 15.82
C GLY C 50 -11.05 39.52 17.06
N THR C 51 -11.39 40.13 18.21
CA THR C 51 -11.43 39.48 19.51
C THR C 51 -12.87 39.39 20.00
N VAL C 52 -13.28 38.18 20.40
CA VAL C 52 -14.62 37.84 20.87
C VAL C 52 -14.72 37.91 22.40
N TYR C 53 -15.79 38.55 22.88
CA TYR C 53 -16.10 38.70 24.30
C TYR C 53 -17.56 38.33 24.51
N LYS C 54 -17.88 37.70 25.65
CA LYS C 54 -19.29 37.42 25.98
C LYS C 54 -19.85 38.77 26.44
N GLY C 55 -21.04 39.10 25.99
CA GLY C 55 -21.67 40.36 26.34
C GLY C 55 -23.13 40.20 26.72
N LYS C 56 -23.71 41.30 27.24
CA LYS C 56 -25.12 41.33 27.62
C LYS C 56 -25.77 42.52 26.94
N TRP C 57 -26.72 42.22 26.05
CA TRP C 57 -27.53 43.17 25.31
C TRP C 57 -28.80 42.45 24.92
N HIS C 58 -29.86 42.65 25.74
CA HIS C 58 -31.17 41.98 25.65
C HIS C 58 -30.90 40.46 25.72
N GLY C 59 -30.18 40.08 26.75
CA GLY C 59 -29.75 38.71 26.99
C GLY C 59 -28.31 38.52 26.57
N ASP C 60 -27.82 37.25 26.67
CA ASP C 60 -26.46 36.90 26.30
C ASP C 60 -26.23 37.08 24.79
N VAL C 61 -25.15 37.80 24.44
CA VAL C 61 -24.71 38.06 23.05
C VAL C 61 -23.19 37.85 22.96
N ALA C 62 -22.67 37.77 21.72
CA ALA C 62 -21.23 37.66 21.47
C ALA C 62 -20.81 38.98 20.85
N VAL C 63 -19.71 39.56 21.35
CA VAL C 63 -19.19 40.86 20.92
C VAL C 63 -17.79 40.70 20.27
N LYS C 64 -17.73 40.78 18.93
CA LYS C 64 -16.48 40.68 18.18
C LYS C 64 -15.92 42.09 17.92
N MET C 65 -14.85 42.44 18.64
CA MET C 65 -14.15 43.73 18.52
C MET C 65 -13.28 43.71 17.28
N LEU C 66 -13.24 44.82 16.53
CA LEU C 66 -12.44 44.93 15.30
C LEU C 66 -12.10 46.38 14.92
N THR C 67 -11.07 46.54 14.06
CA THR C 67 -10.59 47.84 13.57
C THR C 67 -11.46 48.27 12.37
N PRO C 68 -11.57 49.60 12.04
CA PRO C 68 -12.39 50.01 10.89
C PRO C 68 -11.96 49.36 9.56
N GLN C 69 -10.65 49.07 9.42
CA GLN C 69 -10.04 48.41 8.26
C GLN C 69 -10.54 46.98 8.19
N GLN C 70 -10.66 46.30 9.36
CA GLN C 70 -11.16 44.92 9.47
C GLN C 70 -12.64 44.86 9.11
N LEU C 71 -13.44 45.84 9.60
CA LEU C 71 -14.88 45.96 9.35
C LEU C 71 -15.17 46.20 7.86
N GLN C 72 -14.48 47.18 7.23
CA GLN C 72 -14.63 47.54 5.82
C GLN C 72 -14.31 46.36 4.90
N ALA C 73 -13.26 45.58 5.26
CA ALA C 73 -12.80 44.41 4.53
C ALA C 73 -13.86 43.30 4.57
N PHE C 74 -14.42 43.03 5.77
CA PHE C 74 -15.47 42.04 6.02
C PHE C 74 -16.77 42.35 5.25
N LYS C 75 -17.17 43.64 5.24
CA LYS C 75 -18.38 44.13 4.56
C LYS C 75 -18.30 43.97 3.03
N ASN C 76 -17.10 44.19 2.45
CA ASN C 76 -16.85 44.11 0.99
C ASN C 76 -16.67 42.68 0.45
N GLU C 77 -15.64 41.95 0.91
CA GLU C 77 -15.34 40.60 0.42
C GLU C 77 -16.40 39.56 0.82
N VAL C 78 -16.81 39.54 2.11
CA VAL C 78 -17.79 38.57 2.58
C VAL C 78 -19.20 39.17 2.57
N GLY C 79 -19.48 40.04 3.53
CA GLY C 79 -20.78 40.69 3.67
C GLY C 79 -21.88 39.74 4.12
N VAL C 80 -21.57 38.91 5.15
CA VAL C 80 -22.49 37.94 5.78
C VAL C 80 -23.77 38.64 6.30
N LEU C 81 -23.60 39.89 6.77
CA LEU C 81 -24.66 40.79 7.26
C LEU C 81 -25.82 40.81 6.24
N ARG C 82 -27.06 40.57 6.72
CA ARG C 82 -28.31 40.52 5.93
C ARG C 82 -28.39 39.28 5.02
N LYS C 83 -27.24 38.85 4.45
CA LYS C 83 -27.08 37.73 3.51
C LYS C 83 -27.47 36.38 4.11
N THR C 84 -26.97 36.07 5.32
CA THR C 84 -27.24 34.81 5.98
C THR C 84 -28.34 34.91 7.03
N ARG C 85 -29.39 34.16 6.74
CA ARG C 85 -30.55 33.94 7.57
C ARG C 85 -30.74 32.43 7.47
N HIS C 86 -29.93 31.66 8.21
CA HIS C 86 -30.00 30.19 8.24
C HIS C 86 -29.71 29.69 9.64
N VAL C 87 -30.45 28.64 10.06
CA VAL C 87 -30.38 28.01 11.38
C VAL C 87 -28.98 27.45 11.72
N ASN C 88 -28.20 27.05 10.70
CA ASN C 88 -26.87 26.48 10.90
C ASN C 88 -25.75 27.51 10.77
N ILE C 89 -26.09 28.79 10.57
CA ILE C 89 -25.11 29.87 10.47
C ILE C 89 -25.33 30.83 11.65
N LEU C 90 -24.22 31.25 12.28
CA LEU C 90 -24.24 32.19 13.41
C LEU C 90 -25.01 33.46 13.02
N LEU C 91 -26.00 33.82 13.83
CA LEU C 91 -26.87 34.98 13.57
C LEU C 91 -26.25 36.32 13.92
N PHE C 92 -26.08 37.19 12.91
CA PHE C 92 -25.59 38.55 13.10
C PHE C 92 -26.74 39.36 13.70
N MET C 93 -26.42 40.30 14.60
CA MET C 93 -27.43 41.14 15.24
C MET C 93 -27.26 42.61 14.84
N GLY C 94 -26.08 43.20 15.08
CA GLY C 94 -25.80 44.59 14.73
C GLY C 94 -24.43 45.12 15.12
N TYR C 95 -24.09 46.33 14.64
CA TYR C 95 -22.82 47.01 14.92
C TYR C 95 -22.96 47.99 16.08
N SER C 96 -21.85 48.22 16.80
CA SER C 96 -21.76 49.20 17.89
C SER C 96 -20.40 49.89 17.77
N THR C 97 -20.40 51.14 17.32
CA THR C 97 -19.17 51.94 17.09
C THR C 97 -18.55 52.46 18.38
N LYS C 98 -19.37 52.71 19.43
CA LYS C 98 -18.91 53.21 20.74
C LYS C 98 -19.26 52.24 21.89
N PRO C 99 -18.39 52.06 22.93
CA PRO C 99 -17.06 52.69 23.16
C PRO C 99 -16.03 52.34 22.08
N GLN C 100 -16.07 51.09 21.60
CA GLN C 100 -15.19 50.56 20.56
C GLN C 100 -16.03 49.88 19.47
N LEU C 101 -15.48 49.81 18.23
CA LEU C 101 -16.15 49.17 17.10
C LEU C 101 -16.27 47.65 17.31
N ALA C 102 -17.51 47.13 17.21
CA ALA C 102 -17.78 45.70 17.41
C ALA C 102 -19.00 45.15 16.67
N ILE C 103 -18.93 43.86 16.27
CA ILE C 103 -20.03 43.13 15.63
C ILE C 103 -20.69 42.32 16.74
N VAL C 104 -21.99 42.49 16.91
CA VAL C 104 -22.77 41.77 17.92
C VAL C 104 -23.52 40.63 17.23
N THR C 105 -23.31 39.40 17.71
CA THR C 105 -23.98 38.20 17.19
C THR C 105 -24.68 37.52 18.37
N GLN C 106 -25.56 36.55 18.06
CA GLN C 106 -26.26 35.73 19.05
C GLN C 106 -25.21 34.95 19.87
N TRP C 107 -25.55 34.58 21.11
CA TRP C 107 -24.65 33.79 21.94
C TRP C 107 -25.02 32.32 21.88
N CYS C 108 -24.00 31.46 21.74
CA CYS C 108 -24.16 30.02 21.70
C CYS C 108 -23.94 29.45 23.09
N GLU C 109 -25.00 28.86 23.66
CA GLU C 109 -24.91 28.25 24.97
C GLU C 109 -24.38 26.82 24.81
N GLY C 110 -23.15 26.62 25.27
CA GLY C 110 -22.46 25.34 25.17
C GLY C 110 -21.02 25.52 24.76
N SER C 111 -20.52 24.61 23.92
CA SER C 111 -19.14 24.65 23.46
C SER C 111 -19.02 24.38 21.96
N SER C 112 -17.84 24.69 21.38
CA SER C 112 -17.51 24.41 19.98
C SER C 112 -17.20 22.91 19.88
N LEU C 113 -17.22 22.34 18.66
CA LEU C 113 -16.96 20.92 18.43
C LEU C 113 -15.55 20.52 18.87
N TYR C 114 -14.57 21.43 18.68
CA TYR C 114 -13.17 21.24 19.09
C TYR C 114 -13.11 20.98 20.59
N HIS C 115 -13.74 21.87 21.36
CA HIS C 115 -13.82 21.79 22.80
C HIS C 115 -14.44 20.47 23.27
N HIS C 116 -15.58 20.08 22.68
CA HIS C 116 -16.27 18.83 22.99
C HIS C 116 -15.36 17.61 22.76
N LEU C 117 -14.80 17.47 21.55
CA LEU C 117 -13.98 16.31 21.17
C LEU C 117 -12.58 16.22 21.77
N HIS C 118 -11.87 17.37 21.86
CA HIS C 118 -10.46 17.38 22.27
C HIS C 118 -10.17 17.94 23.66
N ILE C 119 -11.01 18.85 24.18
CA ILE C 119 -10.76 19.44 25.51
C ILE C 119 -11.47 18.65 26.62
N ILE C 120 -12.81 18.51 26.52
CA ILE C 120 -13.62 17.83 27.56
C ILE C 120 -13.97 16.37 27.19
N GLU C 121 -13.51 15.88 26.00
CA GLU C 121 -13.70 14.52 25.50
C GLU C 121 -15.14 13.98 25.65
N THR C 122 -16.12 14.73 25.11
CA THR C 122 -17.54 14.38 25.11
C THR C 122 -17.75 13.16 24.22
N LYS C 123 -18.36 12.11 24.79
CA LYS C 123 -18.66 10.89 24.08
C LYS C 123 -20.06 10.94 23.46
N PHE C 124 -20.14 11.41 22.21
CA PHE C 124 -21.41 11.48 21.47
C PHE C 124 -21.69 10.13 20.86
N GLU C 125 -22.99 9.76 20.77
CA GLU C 125 -23.41 8.54 20.09
C GLU C 125 -23.19 8.75 18.60
N MET C 126 -22.93 7.67 17.83
CA MET C 126 -22.71 7.72 16.39
C MET C 126 -23.81 8.51 15.65
N ILE C 127 -25.08 8.28 16.04
CA ILE C 127 -26.27 8.96 15.51
C ILE C 127 -26.13 10.50 15.65
N LYS C 128 -25.60 10.98 16.80
CA LYS C 128 -25.36 12.40 17.08
C LYS C 128 -24.20 12.93 16.24
N LEU C 129 -23.09 12.16 16.16
CA LEU C 129 -21.92 12.56 15.36
C LEU C 129 -22.37 12.77 13.90
N ILE C 130 -23.17 11.82 13.35
CA ILE C 130 -23.71 11.88 11.98
C ILE C 130 -24.61 13.13 11.83
N ASP C 131 -25.43 13.42 12.85
CA ASP C 131 -26.30 14.60 12.86
C ASP C 131 -25.48 15.91 12.84
N ILE C 132 -24.34 15.95 13.58
CA ILE C 132 -23.46 17.13 13.64
C ILE C 132 -22.87 17.40 12.24
N ALA C 133 -22.47 16.31 11.54
CA ALA C 133 -21.94 16.35 10.18
C ALA C 133 -23.05 16.81 9.22
N ARG C 134 -24.27 16.24 9.38
CA ARG C 134 -25.45 16.57 8.59
C ARG C 134 -25.78 18.07 8.70
N GLN C 135 -25.74 18.60 9.93
CA GLN C 135 -26.02 20.00 10.23
C GLN C 135 -24.94 20.93 9.68
N THR C 136 -23.65 20.52 9.78
CA THR C 136 -22.51 21.29 9.28
C THR C 136 -22.59 21.38 7.76
N ALA C 137 -22.83 20.23 7.09
CA ALA C 137 -22.98 20.13 5.64
C ALA C 137 -24.14 21.01 5.16
N GLN C 138 -25.24 21.06 5.95
CA GLN C 138 -26.45 21.84 5.67
C GLN C 138 -26.12 23.34 5.62
N GLY C 139 -25.36 23.81 6.59
CA GLY C 139 -24.92 25.20 6.69
C GLY C 139 -23.95 25.59 5.60
N MET C 140 -23.05 24.66 5.26
CA MET C 140 -22.03 24.82 4.22
C MET C 140 -22.67 24.89 2.83
N ASP C 141 -23.65 24.01 2.56
CA ASP C 141 -24.42 23.99 1.32
C ASP C 141 -25.13 25.31 1.11
N TYR C 142 -25.67 25.91 2.21
CA TYR C 142 -26.35 27.21 2.20
C TYR C 142 -25.37 28.28 1.75
N LEU C 143 -24.19 28.38 2.44
CA LEU C 143 -23.14 29.34 2.14
C LEU C 143 -22.69 29.26 0.70
N HIS C 144 -22.39 28.03 0.23
CA HIS C 144 -21.95 27.75 -1.13
C HIS C 144 -23.01 28.13 -2.17
N ALA C 145 -24.32 27.92 -1.84
CA ALA C 145 -25.43 28.29 -2.70
C ALA C 145 -25.54 29.83 -2.83
N LYS C 146 -25.11 30.56 -1.78
CA LYS C 146 -25.07 32.02 -1.73
C LYS C 146 -23.67 32.52 -2.20
N SER C 147 -22.86 31.59 -2.78
CA SER C 147 -21.51 31.79 -3.32
C SER C 147 -20.52 32.37 -2.29
N ILE C 148 -20.63 31.89 -1.04
CA ILE C 148 -19.74 32.30 0.04
C ILE C 148 -18.83 31.14 0.40
N ILE C 149 -17.51 31.39 0.35
CA ILE C 149 -16.48 30.43 0.74
C ILE C 149 -16.06 30.84 2.14
N HIS C 150 -16.12 29.92 3.11
CA HIS C 150 -15.76 30.14 4.50
C HIS C 150 -14.29 30.54 4.64
N ARG C 151 -13.39 29.81 3.93
CA ARG C 151 -11.93 29.99 3.85
C ARG C 151 -11.19 29.60 5.16
N ASP C 152 -11.91 29.30 6.27
CA ASP C 152 -11.29 28.89 7.53
C ASP C 152 -12.19 27.98 8.39
N LEU C 153 -12.78 26.93 7.79
CA LEU C 153 -13.65 26.02 8.54
C LEU C 153 -12.81 25.06 9.39
N LYS C 154 -13.09 25.02 10.71
CA LYS C 154 -12.43 24.17 11.71
C LYS C 154 -13.46 23.65 12.71
N SER C 155 -13.02 22.80 13.66
CA SER C 155 -13.84 22.27 14.75
C SER C 155 -14.24 23.38 15.72
N ASN C 156 -13.34 24.35 15.91
CA ASN C 156 -13.45 25.52 16.77
C ASN C 156 -14.40 26.59 16.19
N ASN C 157 -15.02 26.30 15.05
CA ASN C 157 -15.92 27.18 14.29
C ASN C 157 -17.33 26.62 14.26
N ILE C 158 -17.48 25.32 14.53
CA ILE C 158 -18.76 24.62 14.58
C ILE C 158 -19.19 24.69 16.04
N PHE C 159 -20.07 25.64 16.35
CA PHE C 159 -20.54 25.84 17.72
C PHE C 159 -21.79 25.02 17.97
N LEU C 160 -21.75 24.17 19.01
CA LEU C 160 -22.89 23.33 19.37
C LEU C 160 -23.82 24.06 20.33
N HIS C 161 -24.74 24.86 19.76
CA HIS C 161 -25.72 25.62 20.52
C HIS C 161 -26.72 24.69 21.19
N GLU C 162 -26.82 24.79 22.53
CA GLU C 162 -27.66 23.99 23.43
C GLU C 162 -27.41 22.48 23.24
N ASP C 163 -26.15 22.16 22.84
CA ASP C 163 -25.61 20.83 22.55
C ASP C 163 -26.46 20.06 21.51
N LEU C 164 -27.19 20.79 20.63
CA LEU C 164 -28.04 20.20 19.59
C LEU C 164 -27.85 20.83 18.23
N THR C 165 -27.95 22.17 18.14
CA THR C 165 -27.85 22.90 16.88
C THR C 165 -26.45 23.42 16.57
N VAL C 166 -25.92 23.03 15.38
CA VAL C 166 -24.62 23.46 14.87
C VAL C 166 -24.77 24.90 14.33
N LYS C 167 -23.86 25.79 14.73
CA LYS C 167 -23.84 27.17 14.26
C LYS C 167 -22.44 27.44 13.73
N ILE C 168 -22.31 27.64 12.40
CA ILE C 168 -21.04 27.92 11.73
C ILE C 168 -20.72 29.41 11.82
N GLY C 169 -19.53 29.70 12.32
CA GLY C 169 -19.04 31.06 12.47
C GLY C 169 -17.56 31.14 12.16
N ASP C 170 -16.93 32.25 12.58
CA ASP C 170 -15.50 32.55 12.43
C ASP C 170 -15.01 32.46 10.97
N PHE C 171 -15.65 33.26 10.09
CA PHE C 171 -15.33 33.32 8.67
C PHE C 171 -13.94 33.90 8.43
N GLY C 172 -13.23 33.31 7.49
CA GLY C 172 -11.89 33.73 7.13
C GLY C 172 -11.86 35.01 6.30
N LEU C 173 -10.79 35.82 6.43
CA LEU C 173 -10.66 37.05 5.63
C LEU C 173 -9.40 37.04 4.77
N SER C 190 0.39 30.55 9.19
CA SER C 190 -0.23 31.20 10.35
C SER C 190 -1.62 30.63 10.68
N GLY C 191 -1.88 30.47 11.97
CA GLY C 191 -3.14 29.97 12.49
C GLY C 191 -3.22 28.46 12.62
N SER C 192 -4.32 27.88 12.08
CA SER C 192 -4.62 26.46 12.15
C SER C 192 -4.57 25.78 10.77
N ILE C 193 -3.48 25.02 10.56
CA ILE C 193 -3.12 24.33 9.32
C ILE C 193 -3.75 22.93 9.13
N LEU C 194 -4.17 22.26 10.22
CA LEU C 194 -4.73 20.90 10.19
C LEU C 194 -5.91 20.72 9.19
N TRP C 195 -6.68 21.80 8.94
CA TRP C 195 -7.86 21.82 8.07
C TRP C 195 -7.58 22.35 6.66
N MET C 196 -6.35 22.85 6.42
CA MET C 196 -5.95 23.39 5.12
C MET C 196 -5.69 22.31 4.09
N ALA C 197 -6.33 22.45 2.92
CA ALA C 197 -6.17 21.58 1.76
C ALA C 197 -4.74 21.69 1.20
N PRO C 198 -4.15 20.61 0.62
CA PRO C 198 -2.78 20.73 0.09
C PRO C 198 -2.56 21.99 -0.76
N GLU C 199 -3.50 22.33 -1.66
CA GLU C 199 -3.44 23.52 -2.53
C GLU C 199 -3.48 24.86 -1.79
N VAL C 200 -4.09 24.88 -0.59
CA VAL C 200 -4.17 26.06 0.28
C VAL C 200 -2.79 26.26 0.92
N ILE C 201 -2.16 25.15 1.36
CA ILE C 201 -0.82 25.13 1.96
C ILE C 201 0.24 25.50 0.89
N ARG C 202 0.11 24.91 -0.33
CA ARG C 202 0.96 25.11 -1.51
C ARG C 202 0.95 26.55 -2.01
N MET C 203 -0.21 27.24 -1.87
CA MET C 203 -0.50 28.59 -2.39
C MET C 203 -0.50 28.56 -3.93
N GLN C 204 -1.04 27.44 -4.48
CA GLN C 204 -1.13 27.14 -5.91
C GLN C 204 -2.41 27.69 -6.54
N ASP C 205 -2.34 28.00 -7.86
CA ASP C 205 -3.41 28.49 -8.74
C ASP C 205 -3.76 29.97 -8.50
N LYS C 206 -4.71 30.53 -9.31
CA LYS C 206 -5.19 31.91 -9.26
C LYS C 206 -5.50 32.27 -7.80
N ASN C 207 -6.43 31.54 -7.18
CA ASN C 207 -6.76 31.67 -5.76
C ASN C 207 -6.80 30.26 -5.17
N PRO C 208 -6.03 30.00 -4.08
CA PRO C 208 -6.04 28.65 -3.48
C PRO C 208 -7.40 28.24 -2.93
N TYR C 209 -8.16 29.23 -2.40
CA TYR C 209 -9.48 29.01 -1.81
C TYR C 209 -10.55 28.77 -2.86
N SER C 210 -11.39 27.77 -2.61
CA SER C 210 -12.49 27.33 -3.48
C SER C 210 -13.54 26.64 -2.61
N PHE C 211 -14.63 26.12 -3.23
CA PHE C 211 -15.65 25.36 -2.51
C PHE C 211 -15.04 24.04 -2.08
N GLN C 212 -14.13 23.49 -2.92
CA GLN C 212 -13.42 22.24 -2.70
C GLN C 212 -12.45 22.32 -1.52
N SER C 213 -11.88 23.51 -1.23
CA SER C 213 -10.98 23.72 -0.09
C SER C 213 -11.78 23.63 1.21
N ASP C 214 -13.04 24.15 1.18
CA ASP C 214 -14.01 24.10 2.28
C ASP C 214 -14.49 22.67 2.47
N VAL C 215 -14.56 21.87 1.37
CA VAL C 215 -14.92 20.46 1.41
C VAL C 215 -13.79 19.68 2.14
N TYR C 216 -12.50 19.99 1.83
CA TYR C 216 -11.34 19.36 2.50
C TYR C 216 -11.40 19.67 3.99
N ALA C 217 -11.67 20.95 4.34
CA ALA C 217 -11.80 21.42 5.71
C ALA C 217 -12.85 20.60 6.46
N PHE C 218 -14.01 20.34 5.80
CA PHE C 218 -15.12 19.55 6.31
C PHE C 218 -14.70 18.09 6.48
N GLY C 219 -13.86 17.61 5.56
CA GLY C 219 -13.29 16.25 5.56
C GLY C 219 -12.54 15.97 6.84
N ILE C 220 -11.70 16.95 7.29
CA ILE C 220 -10.93 16.89 8.53
C ILE C 220 -11.89 16.92 9.71
N VAL C 221 -12.96 17.74 9.63
CA VAL C 221 -13.98 17.80 10.68
C VAL C 221 -14.64 16.42 10.82
N LEU C 222 -15.00 15.77 9.67
CA LEU C 222 -15.58 14.41 9.66
C LEU C 222 -14.60 13.45 10.35
N TYR C 223 -13.28 13.58 10.04
CA TYR C 223 -12.22 12.77 10.64
C TYR C 223 -12.28 12.90 12.16
N GLU C 224 -12.29 14.17 12.63
CA GLU C 224 -12.34 14.52 14.04
C GLU C 224 -13.54 13.93 14.75
N LEU C 225 -14.70 13.87 14.06
CA LEU C 225 -15.95 13.32 14.58
C LEU C 225 -15.87 11.81 14.73
N MET C 226 -15.37 11.13 13.69
CA MET C 226 -15.30 9.67 13.61
C MET C 226 -14.12 9.04 14.36
N THR C 227 -13.07 9.82 14.68
CA THR C 227 -11.90 9.30 15.42
C THR C 227 -11.88 9.84 16.87
N GLY C 228 -12.41 11.04 17.06
CA GLY C 228 -12.41 11.75 18.33
C GLY C 228 -11.06 12.38 18.58
N GLN C 229 -10.23 12.45 17.52
CA GLN C 229 -8.85 12.92 17.53
C GLN C 229 -8.51 13.87 16.39
N LEU C 230 -7.42 14.62 16.57
CA LEU C 230 -6.89 15.55 15.58
C LEU C 230 -5.92 14.81 14.66
N PRO C 231 -5.85 15.14 13.36
CA PRO C 231 -4.88 14.44 12.49
C PRO C 231 -3.43 14.78 12.82
N TYR C 232 -2.50 13.88 12.41
CA TYR C 232 -1.04 13.99 12.53
C TYR C 232 -0.57 14.22 13.98
N SER C 233 -1.24 13.56 14.94
CA SER C 233 -0.96 13.62 16.37
C SER C 233 0.45 13.11 16.74
N ASN C 234 1.00 12.18 15.92
CA ASN C 234 2.32 11.57 16.10
C ASN C 234 3.50 12.47 15.62
N ILE C 235 3.20 13.66 15.05
CA ILE C 235 4.20 14.62 14.57
C ILE C 235 4.19 15.87 15.47
N ASN C 236 5.41 16.27 15.96
CA ASN C 236 5.59 17.43 16.83
C ASN C 236 6.22 18.66 16.11
N ASN C 237 6.11 18.73 14.78
CA ASN C 237 6.67 19.83 14.00
C ASN C 237 5.66 20.40 13.03
N ARG C 238 5.27 21.68 13.28
CA ARG C 238 4.32 22.47 12.49
C ARG C 238 4.76 22.59 11.03
N ASP C 239 6.05 22.92 10.83
CA ASP C 239 6.69 23.10 9.54
C ASP C 239 6.70 21.81 8.74
N GLN C 240 7.01 20.67 9.40
CA GLN C 240 7.03 19.36 8.74
C GLN C 240 5.64 18.93 8.31
N ILE C 241 4.61 19.21 9.13
CA ILE C 241 3.21 18.91 8.79
C ILE C 241 2.84 19.73 7.54
N ILE C 242 3.06 21.07 7.58
CA ILE C 242 2.80 21.99 6.46
C ILE C 242 3.47 21.44 5.17
N PHE C 243 4.80 21.22 5.20
CA PHE C 243 5.56 20.74 4.04
C PHE C 243 4.96 19.47 3.43
N MET C 244 4.80 18.45 4.28
CA MET C 244 4.31 17.13 3.91
C MET C 244 2.87 17.07 3.45
N VAL C 245 1.94 17.78 4.11
CA VAL C 245 0.53 17.79 3.68
C VAL C 245 0.40 18.41 2.27
N GLY C 246 1.06 19.56 2.09
CA GLY C 246 1.10 20.29 0.82
C GLY C 246 1.70 19.46 -0.30
N ARG C 247 2.75 18.70 0.02
CA ARG C 247 3.44 17.83 -0.95
C ARG C 247 2.75 16.48 -1.12
N GLY C 248 1.66 16.24 -0.39
CA GLY C 248 0.90 15.01 -0.47
C GLY C 248 1.56 13.77 0.11
N TYR C 249 2.62 13.95 0.93
CA TYR C 249 3.34 12.83 1.57
C TYR C 249 2.60 12.38 2.81
N LEU C 250 1.90 13.31 3.47
CA LEU C 250 1.16 13.09 4.70
C LEU C 250 -0.34 13.32 4.50
N SER C 251 -1.15 12.42 5.06
CA SER C 251 -2.62 12.47 4.97
C SER C 251 -3.24 11.83 6.24
N PRO C 252 -4.48 12.20 6.65
CA PRO C 252 -5.05 11.61 7.88
C PRO C 252 -5.13 10.08 7.86
N ASP C 253 -4.80 9.45 8.99
CA ASP C 253 -4.82 8.01 9.17
C ASP C 253 -6.27 7.55 9.34
N LEU C 254 -6.89 7.13 8.23
CA LEU C 254 -8.29 6.70 8.19
C LEU C 254 -8.56 5.42 8.98
N SER C 255 -7.51 4.62 9.29
CA SER C 255 -7.61 3.38 10.07
C SER C 255 -8.00 3.67 11.54
N LYS C 256 -7.91 4.95 11.95
CA LYS C 256 -8.22 5.42 13.30
C LYS C 256 -9.72 5.64 13.54
N VAL C 257 -10.56 5.56 12.48
CA VAL C 257 -12.02 5.73 12.62
C VAL C 257 -12.62 4.63 13.52
N ARG C 258 -13.64 5.01 14.30
CA ARG C 258 -14.37 4.12 15.22
C ARG C 258 -14.94 2.90 14.50
N SER C 259 -15.06 1.77 15.21
CA SER C 259 -15.62 0.50 14.69
C SER C 259 -17.08 0.65 14.24
N ASN C 260 -17.86 1.51 14.94
CA ASN C 260 -19.26 1.81 14.66
C ASN C 260 -19.46 2.87 13.56
N CYS C 261 -18.35 3.38 12.97
CA CYS C 261 -18.41 4.36 11.88
C CYS C 261 -18.89 3.66 10.60
N PRO C 262 -20.01 4.13 9.98
CA PRO C 262 -20.50 3.48 8.75
C PRO C 262 -19.49 3.49 7.61
N LYS C 263 -19.48 2.42 6.78
CA LYS C 263 -18.58 2.28 5.64
C LYS C 263 -18.69 3.46 4.68
N ALA C 264 -19.94 3.93 4.44
CA ALA C 264 -20.25 5.07 3.57
C ALA C 264 -19.73 6.39 4.16
N MET C 265 -19.66 6.51 5.50
CA MET C 265 -19.13 7.69 6.19
C MET C 265 -17.63 7.79 5.99
N LYS C 266 -16.93 6.64 6.14
CA LYS C 266 -15.49 6.53 5.94
C LYS C 266 -15.16 6.75 4.47
N ARG C 267 -16.09 6.33 3.57
CA ARG C 267 -15.98 6.49 2.11
C ARG C 267 -16.11 7.97 1.73
N LEU C 268 -17.09 8.69 2.33
CA LEU C 268 -17.36 10.11 2.08
C LEU C 268 -16.19 10.95 2.56
N MET C 269 -15.63 10.59 3.73
CA MET C 269 -14.46 11.22 4.36
C MET C 269 -13.29 11.19 3.38
N ALA C 270 -13.01 10.01 2.79
CA ALA C 270 -11.95 9.77 1.82
C ALA C 270 -12.10 10.66 0.60
N GLU C 271 -13.35 10.81 0.09
CA GLU C 271 -13.68 11.64 -1.07
C GLU C 271 -13.47 13.12 -0.78
N CYS C 272 -13.85 13.58 0.43
CA CYS C 272 -13.68 14.97 0.83
C CYS C 272 -12.20 15.32 1.01
N LEU C 273 -11.38 14.35 1.43
CA LEU C 273 -9.96 14.55 1.72
C LEU C 273 -9.01 14.32 0.53
N LYS C 274 -9.55 14.10 -0.69
CA LYS C 274 -8.76 13.87 -1.91
C LYS C 274 -7.70 14.95 -2.07
N LYS C 275 -6.45 14.54 -2.35
CA LYS C 275 -5.33 15.48 -2.55
C LYS C 275 -5.58 16.36 -3.79
N LYS C 276 -6.19 15.76 -4.85
CA LYS C 276 -6.59 16.36 -6.12
C LYS C 276 -7.87 17.20 -5.88
N ARG C 277 -7.74 18.54 -5.96
CA ARG C 277 -8.75 19.60 -5.75
C ARG C 277 -10.16 19.27 -6.25
N ASP C 278 -10.37 19.24 -7.57
CA ASP C 278 -11.67 19.02 -8.22
C ASP C 278 -12.26 17.62 -8.02
N GLU C 279 -11.44 16.62 -7.63
CA GLU C 279 -11.88 15.24 -7.38
C GLU C 279 -12.71 15.05 -6.10
N ARG C 280 -12.89 16.15 -5.34
CA ARG C 280 -13.68 16.21 -4.12
C ARG C 280 -15.14 16.51 -4.47
N PRO C 281 -16.11 15.91 -3.73
CA PRO C 281 -17.53 16.19 -4.00
C PRO C 281 -17.93 17.56 -3.46
N LEU C 282 -19.03 18.13 -3.95
CA LEU C 282 -19.52 19.41 -3.46
C LEU C 282 -20.60 19.17 -2.41
N PHE C 283 -20.96 20.21 -1.64
CA PHE C 283 -21.90 20.07 -0.53
C PHE C 283 -23.31 19.59 -0.92
N PRO C 284 -23.93 19.91 -2.09
CA PRO C 284 -25.25 19.31 -2.37
C PRO C 284 -25.18 17.79 -2.40
N GLN C 285 -24.10 17.24 -2.99
CA GLN C 285 -23.80 15.81 -3.09
C GLN C 285 -23.42 15.24 -1.71
N ILE C 286 -22.69 16.05 -0.88
CA ILE C 286 -22.25 15.67 0.48
C ILE C 286 -23.44 15.53 1.40
N LEU C 287 -24.31 16.56 1.44
CA LEU C 287 -25.52 16.63 2.23
C LEU C 287 -26.46 15.47 1.91
N ALA C 288 -26.60 15.10 0.62
CA ALA C 288 -27.42 13.98 0.16
C ALA C 288 -26.87 12.64 0.69
N SER C 289 -25.53 12.48 0.68
CA SER C 289 -24.83 11.28 1.16
C SER C 289 -25.03 11.07 2.65
N ILE C 290 -24.97 12.16 3.45
CA ILE C 290 -25.17 12.12 4.91
C ILE C 290 -26.65 11.88 5.24
N GLU C 291 -27.59 12.54 4.52
CA GLU C 291 -29.04 12.39 4.72
C GLU C 291 -29.50 10.94 4.50
N LEU C 292 -28.94 10.28 3.45
CA LEU C 292 -29.20 8.89 3.10
C LEU C 292 -28.62 7.95 4.17
N LEU C 293 -27.42 8.28 4.66
CA LEU C 293 -26.69 7.55 5.71
C LEU C 293 -27.49 7.59 7.01
N ALA C 294 -28.01 8.78 7.36
CA ALA C 294 -28.78 9.09 8.56
C ALA C 294 -30.05 8.28 8.74
N ARG C 295 -30.84 8.06 7.68
CA ARG C 295 -32.08 7.28 7.79
C ARG C 295 -31.83 5.81 8.19
N SER C 296 -30.61 5.31 7.92
CA SER C 296 -30.17 3.96 8.28
C SER C 296 -29.63 4.00 9.73
N LEU C 297 -30.54 3.86 10.71
CA LEU C 297 -30.22 3.90 12.15
C LEU C 297 -30.66 2.60 12.90
N PRO C 298 -29.99 2.18 14.01
CA PRO C 298 -30.43 0.94 14.69
C PRO C 298 -31.69 1.13 15.54
N ASP D 30 -29.10 -51.23 -10.89
CA ASP D 30 -28.28 -51.37 -12.10
C ASP D 30 -28.19 -50.06 -12.88
N TRP D 31 -26.98 -49.48 -12.93
CA TRP D 31 -26.68 -48.26 -13.69
C TRP D 31 -25.90 -48.63 -14.96
N GLU D 32 -25.47 -49.90 -15.05
CA GLU D 32 -24.72 -50.51 -16.16
C GLU D 32 -25.32 -50.24 -17.54
N ILE D 33 -24.47 -50.22 -18.57
CA ILE D 33 -24.87 -49.95 -19.94
C ILE D 33 -24.44 -51.12 -20.83
N PRO D 34 -25.38 -51.69 -21.64
CA PRO D 34 -25.01 -52.78 -22.55
C PRO D 34 -23.93 -52.36 -23.56
N ASP D 35 -22.93 -53.23 -23.77
CA ASP D 35 -21.78 -52.96 -24.63
C ASP D 35 -22.12 -52.79 -26.12
N GLY D 36 -23.32 -53.22 -26.51
CA GLY D 36 -23.83 -53.07 -27.87
C GLY D 36 -24.45 -51.71 -28.10
N GLN D 37 -24.95 -51.09 -27.01
CA GLN D 37 -25.61 -49.77 -27.01
C GLN D 37 -24.64 -48.60 -27.05
N ILE D 38 -23.48 -48.72 -26.36
CA ILE D 38 -22.46 -47.68 -26.28
C ILE D 38 -21.45 -47.73 -27.47
N THR D 39 -21.09 -46.53 -27.99
CA THR D 39 -20.15 -46.35 -29.09
C THR D 39 -19.14 -45.30 -28.64
N VAL D 40 -17.86 -45.67 -28.55
CA VAL D 40 -16.83 -44.74 -28.09
C VAL D 40 -16.07 -44.12 -29.29
N GLY D 41 -15.95 -42.81 -29.26
CA GLY D 41 -15.30 -42.03 -30.30
C GLY D 41 -13.86 -41.67 -30.00
N GLN D 42 -13.55 -40.37 -29.99
CA GLN D 42 -12.20 -39.89 -29.79
C GLN D 42 -11.95 -39.29 -28.41
N ARG D 43 -10.67 -39.34 -27.98
CA ARG D 43 -10.17 -38.83 -26.70
C ARG D 43 -10.20 -37.31 -26.68
N ILE D 44 -10.86 -36.76 -25.66
CA ILE D 44 -11.00 -35.34 -25.39
C ILE D 44 -9.81 -34.85 -24.51
N GLY D 45 -9.43 -35.63 -23.52
CA GLY D 45 -8.32 -35.28 -22.64
C GLY D 45 -8.37 -35.98 -21.29
N SER D 46 -7.57 -35.51 -20.32
CA SER D 46 -7.54 -36.08 -18.97
C SER D 46 -7.67 -34.98 -17.91
N GLY D 47 -8.46 -35.26 -16.88
CA GLY D 47 -8.66 -34.33 -15.77
C GLY D 47 -7.94 -34.79 -14.52
N SER D 48 -8.59 -34.60 -13.33
CA SER D 48 -8.05 -35.02 -12.04
C SER D 48 -7.84 -36.53 -12.01
N PHE D 49 -8.74 -37.26 -12.70
CA PHE D 49 -8.72 -38.72 -12.82
C PHE D 49 -9.39 -39.15 -14.13
N GLY D 50 -8.88 -40.23 -14.71
CA GLY D 50 -9.38 -40.81 -15.95
C GLY D 50 -9.22 -39.99 -17.22
N THR D 51 -9.48 -40.64 -18.36
CA THR D 51 -9.37 -40.03 -19.68
C THR D 51 -10.76 -39.99 -20.30
N VAL D 52 -11.15 -38.80 -20.78
CA VAL D 52 -12.45 -38.51 -21.39
C VAL D 52 -12.43 -38.70 -22.91
N TYR D 53 -13.54 -39.29 -23.44
CA TYR D 53 -13.82 -39.59 -24.84
C TYR D 53 -15.21 -39.13 -25.20
N LYS D 54 -15.43 -38.71 -26.45
CA LYS D 54 -16.81 -38.40 -26.87
C LYS D 54 -17.44 -39.75 -27.28
N GLY D 55 -18.68 -39.99 -26.88
CA GLY D 55 -19.36 -41.23 -27.18
C GLY D 55 -20.79 -41.05 -27.63
N LYS D 56 -21.45 -42.17 -27.96
CA LYS D 56 -22.84 -42.21 -28.40
C LYS D 56 -23.64 -43.27 -27.65
N TRP D 57 -24.80 -42.87 -27.10
CA TRP D 57 -25.77 -43.68 -26.34
C TRP D 57 -27.00 -42.79 -26.14
N HIS D 58 -27.97 -42.94 -27.07
CA HIS D 58 -29.20 -42.13 -27.15
C HIS D 58 -28.76 -40.67 -27.32
N GLY D 59 -27.87 -40.47 -28.28
CA GLY D 59 -27.28 -39.18 -28.58
C GLY D 59 -25.87 -39.07 -28.00
N ASP D 60 -25.29 -37.87 -28.13
CA ASP D 60 -23.95 -37.56 -27.66
C ASP D 60 -23.79 -37.70 -26.14
N VAL D 61 -22.73 -38.39 -25.72
CA VAL D 61 -22.35 -38.59 -24.31
C VAL D 61 -20.85 -38.35 -24.10
N ALA D 62 -20.42 -38.34 -22.83
CA ALA D 62 -19.01 -38.23 -22.46
C ALA D 62 -18.66 -39.53 -21.76
N VAL D 63 -17.54 -40.14 -22.14
CA VAL D 63 -17.08 -41.43 -21.62
C VAL D 63 -15.74 -41.25 -20.87
N LYS D 64 -15.78 -41.26 -19.52
CA LYS D 64 -14.59 -41.12 -18.68
C LYS D 64 -14.08 -42.51 -18.32
N MET D 65 -12.95 -42.93 -18.94
CA MET D 65 -12.33 -44.24 -18.68
C MET D 65 -11.70 -44.23 -17.30
N LEU D 66 -11.94 -45.29 -16.52
CA LEU D 66 -11.46 -45.45 -15.15
C LEU D 66 -10.82 -46.80 -14.93
N THR D 67 -10.21 -46.94 -13.75
CA THR D 67 -9.70 -48.21 -13.23
C THR D 67 -10.71 -48.57 -12.13
N PRO D 68 -10.94 -49.86 -11.80
CA PRO D 68 -11.90 -50.19 -10.73
C PRO D 68 -11.52 -49.57 -9.38
N GLN D 69 -10.20 -49.30 -9.17
CA GLN D 69 -9.69 -48.67 -7.96
C GLN D 69 -10.13 -47.20 -7.89
N GLN D 70 -10.12 -46.48 -9.05
CA GLN D 70 -10.52 -45.08 -9.16
C GLN D 70 -12.03 -44.90 -9.02
N LEU D 71 -12.80 -45.93 -9.42
CA LEU D 71 -14.25 -45.93 -9.30
C LEU D 71 -14.66 -46.03 -7.83
N GLN D 72 -14.07 -47.00 -7.07
CA GLN D 72 -14.27 -47.16 -5.61
C GLN D 72 -13.94 -45.84 -4.95
N ALA D 73 -12.84 -45.21 -5.39
CA ALA D 73 -12.36 -43.93 -4.89
C ALA D 73 -13.43 -42.87 -5.07
N PHE D 74 -13.90 -42.67 -6.32
CA PHE D 74 -14.96 -41.73 -6.70
C PHE D 74 -16.21 -41.93 -5.85
N LYS D 75 -16.79 -43.16 -5.87
CA LYS D 75 -18.00 -43.56 -5.11
C LYS D 75 -17.89 -43.21 -3.62
N ASN D 76 -16.74 -43.50 -2.99
CA ASN D 76 -16.49 -43.22 -1.58
C ASN D 76 -16.26 -41.72 -1.27
N GLU D 77 -15.24 -41.11 -1.91
CA GLU D 77 -14.78 -39.74 -1.70
C GLU D 77 -15.79 -38.66 -2.13
N VAL D 78 -16.37 -38.79 -3.32
CA VAL D 78 -17.35 -37.80 -3.79
C VAL D 78 -18.75 -38.44 -3.93
N GLY D 79 -18.88 -39.45 -4.79
CA GLY D 79 -20.12 -40.19 -5.02
C GLY D 79 -21.25 -39.31 -5.55
N VAL D 80 -20.93 -38.44 -6.55
CA VAL D 80 -21.87 -37.50 -7.23
C VAL D 80 -22.87 -38.26 -8.17
N LEU D 81 -22.79 -39.61 -8.25
CA LEU D 81 -23.73 -40.49 -8.96
C LEU D 81 -24.98 -40.47 -8.09
N ARG D 82 -26.17 -40.19 -8.69
CA ARG D 82 -27.46 -40.06 -7.98
C ARG D 82 -27.51 -38.78 -7.11
N LYS D 83 -26.50 -38.62 -6.21
CA LYS D 83 -26.26 -37.52 -5.25
C LYS D 83 -26.45 -36.13 -5.89
N THR D 84 -26.17 -36.00 -7.20
CA THR D 84 -26.34 -34.73 -7.89
C THR D 84 -27.33 -34.87 -9.06
N ARG D 85 -28.43 -34.09 -9.02
CA ARG D 85 -29.47 -33.99 -10.07
C ARG D 85 -29.69 -32.50 -10.34
N HIS D 86 -28.64 -31.69 -10.17
CA HIS D 86 -28.67 -30.25 -10.33
C HIS D 86 -28.34 -29.83 -11.77
N VAL D 87 -29.01 -28.78 -12.24
CA VAL D 87 -28.83 -28.22 -13.58
C VAL D 87 -27.41 -27.66 -13.82
N ASN D 88 -26.71 -27.23 -12.74
CA ASN D 88 -25.37 -26.64 -12.84
C ASN D 88 -24.26 -27.65 -12.57
N ILE D 89 -24.62 -28.92 -12.38
CA ILE D 89 -23.65 -30.01 -12.15
C ILE D 89 -23.76 -30.99 -13.31
N LEU D 90 -22.61 -31.41 -13.85
CA LEU D 90 -22.54 -32.38 -14.95
C LEU D 90 -23.34 -33.64 -14.56
N LEU D 91 -24.29 -34.02 -15.43
CA LEU D 91 -25.21 -35.13 -15.19
C LEU D 91 -24.62 -36.50 -15.45
N PHE D 92 -24.56 -37.34 -14.40
CA PHE D 92 -24.12 -38.74 -14.51
C PHE D 92 -25.23 -39.52 -15.21
N MET D 93 -24.86 -40.47 -16.09
CA MET D 93 -25.84 -41.23 -16.85
C MET D 93 -25.81 -42.74 -16.62
N GLY D 94 -24.63 -43.30 -16.38
CA GLY D 94 -24.44 -44.73 -16.14
C GLY D 94 -23.00 -45.19 -16.26
N TYR D 95 -22.77 -46.52 -16.17
CA TYR D 95 -21.44 -47.13 -16.26
C TYR D 95 -21.28 -48.01 -17.51
N SER D 96 -20.04 -48.19 -18.00
CA SER D 96 -19.70 -49.01 -19.18
C SER D 96 -18.48 -49.89 -18.91
N THR D 97 -18.38 -51.03 -19.63
CA THR D 97 -17.30 -52.01 -19.46
C THR D 97 -16.40 -52.19 -20.70
N LYS D 98 -16.77 -51.59 -21.83
CA LYS D 98 -15.96 -51.68 -23.03
C LYS D 98 -15.72 -50.29 -23.68
N PRO D 99 -14.48 -49.96 -24.15
CA PRO D 99 -13.23 -50.77 -24.19
C PRO D 99 -12.84 -51.34 -22.83
N GLN D 100 -12.96 -50.50 -21.78
CA GLN D 100 -12.69 -50.84 -20.39
C GLN D 100 -13.75 -50.15 -19.51
N LEU D 101 -13.58 -50.18 -18.18
CA LEU D 101 -14.50 -49.54 -17.24
C LEU D 101 -14.57 -48.04 -17.46
N ALA D 102 -15.80 -47.49 -17.50
CA ALA D 102 -16.01 -46.07 -17.76
C ALA D 102 -17.27 -45.48 -17.14
N ILE D 103 -17.23 -44.17 -16.80
CA ILE D 103 -18.38 -43.41 -16.30
C ILE D 103 -18.93 -42.66 -17.50
N VAL D 104 -20.22 -42.83 -17.79
CA VAL D 104 -20.90 -42.15 -18.88
C VAL D 104 -21.69 -40.97 -18.31
N THR D 105 -21.41 -39.76 -18.81
CA THR D 105 -22.10 -38.54 -18.41
C THR D 105 -22.70 -37.89 -19.66
N GLN D 106 -23.58 -36.89 -19.48
CA GLN D 106 -24.17 -36.10 -20.57
C GLN D 106 -23.04 -35.38 -21.31
N TRP D 107 -23.25 -35.03 -22.57
CA TRP D 107 -22.24 -34.32 -23.34
C TRP D 107 -22.54 -32.83 -23.39
N CYS D 108 -21.51 -32.00 -23.20
CA CYS D 108 -21.66 -30.56 -23.25
CA CYS D 108 -21.62 -30.54 -23.24
C CYS D 108 -21.31 -30.05 -24.65
N GLU D 109 -22.29 -29.49 -25.34
CA GLU D 109 -22.06 -28.96 -26.68
C GLU D 109 -21.62 -27.51 -26.51
N GLY D 110 -20.34 -27.27 -26.75
CA GLY D 110 -19.71 -25.96 -26.62
C GLY D 110 -18.30 -26.08 -26.11
N SER D 111 -17.90 -25.10 -25.28
CA SER D 111 -16.55 -25.04 -24.73
C SER D 111 -16.57 -24.73 -23.23
N SER D 112 -15.41 -24.94 -22.57
CA SER D 112 -15.23 -24.61 -21.16
C SER D 112 -15.06 -23.09 -21.06
N LEU D 113 -15.12 -22.55 -19.84
CA LEU D 113 -14.96 -21.12 -19.63
C LEU D 113 -13.53 -20.68 -19.98
N TYR D 114 -12.54 -21.55 -19.70
CA TYR D 114 -11.13 -21.33 -19.98
C TYR D 114 -10.94 -21.09 -21.47
N HIS D 115 -11.49 -22.01 -22.28
CA HIS D 115 -11.44 -21.98 -23.73
C HIS D 115 -12.04 -20.68 -24.26
N HIS D 116 -13.22 -20.32 -23.74
CA HIS D 116 -13.90 -19.09 -24.13
C HIS D 116 -13.09 -17.83 -23.84
N LEU D 117 -12.60 -17.64 -22.61
CA LEU D 117 -11.88 -16.41 -22.27
C LEU D 117 -10.43 -16.33 -22.74
N HIS D 118 -9.69 -17.46 -22.70
CA HIS D 118 -8.26 -17.45 -23.00
C HIS D 118 -7.82 -18.04 -24.35
N ILE D 119 -8.60 -18.98 -24.92
CA ILE D 119 -8.21 -19.58 -26.21
C ILE D 119 -8.85 -18.83 -27.39
N ILE D 120 -10.20 -18.71 -27.41
CA ILE D 120 -10.94 -18.08 -28.51
C ILE D 120 -11.34 -16.62 -28.21
N GLU D 121 -11.01 -16.11 -27.01
CA GLU D 121 -11.26 -14.73 -26.56
C GLU D 121 -12.71 -14.24 -26.86
N THR D 122 -13.70 -14.99 -26.36
CA THR D 122 -15.12 -14.67 -26.52
C THR D 122 -15.44 -13.44 -25.69
N LYS D 123 -16.04 -12.43 -26.34
CA LYS D 123 -16.41 -11.19 -25.69
C LYS D 123 -17.84 -11.26 -25.15
N PHE D 124 -17.99 -11.70 -23.88
CA PHE D 124 -19.29 -11.78 -23.22
C PHE D 124 -19.63 -10.41 -22.64
N GLU D 125 -20.93 -10.07 -22.65
CA GLU D 125 -21.44 -8.84 -22.05
C GLU D 125 -21.34 -9.02 -20.53
N MET D 126 -21.20 -7.92 -19.77
CA MET D 126 -21.09 -7.95 -18.30
C MET D 126 -22.24 -8.74 -17.66
N ILE D 127 -23.47 -8.56 -18.16
CA ILE D 127 -24.67 -9.26 -17.72
C ILE D 127 -24.49 -10.79 -17.82
N LYS D 128 -23.84 -11.27 -18.91
CA LYS D 128 -23.54 -12.70 -19.13
C LYS D 128 -22.45 -13.19 -18.18
N LEU D 129 -21.38 -12.39 -17.99
CA LEU D 129 -20.27 -12.70 -17.08
C LEU D 129 -20.79 -12.87 -15.64
N ILE D 130 -21.73 -12.00 -15.22
CA ILE D 130 -22.38 -12.04 -13.91
C ILE D 130 -23.24 -13.31 -13.82
N ASP D 131 -23.97 -13.64 -14.90
CA ASP D 131 -24.80 -14.84 -14.97
C ASP D 131 -23.96 -16.13 -14.86
N ILE D 132 -22.77 -16.16 -15.51
CA ILE D 132 -21.86 -17.32 -15.45
C ILE D 132 -21.39 -17.55 -14.01
N ALA D 133 -21.08 -16.44 -13.30
CA ALA D 133 -20.67 -16.46 -11.90
C ALA D 133 -21.84 -16.92 -11.03
N ARG D 134 -23.05 -16.38 -11.29
CA ARG D 134 -24.29 -16.72 -10.59
C ARG D 134 -24.58 -18.21 -10.72
N GLN D 135 -24.42 -18.77 -11.93
CA GLN D 135 -24.65 -20.18 -12.22
C GLN D 135 -23.62 -21.08 -11.56
N THR D 136 -22.33 -20.66 -11.57
CA THR D 136 -21.23 -21.41 -10.96
C THR D 136 -21.43 -21.47 -9.44
N ALA D 137 -21.74 -20.31 -8.81
CA ALA D 137 -21.99 -20.21 -7.38
C ALA D 137 -23.23 -21.03 -6.98
N GLN D 138 -24.21 -21.16 -7.89
CA GLN D 138 -25.43 -21.93 -7.68
C GLN D 138 -25.11 -23.42 -7.54
N GLY D 139 -24.26 -23.90 -8.45
CA GLY D 139 -23.81 -25.28 -8.49
C GLY D 139 -22.93 -25.64 -7.30
N MET D 140 -22.06 -24.68 -6.91
CA MET D 140 -21.13 -24.83 -5.81
C MET D 140 -21.86 -24.89 -4.47
N ASP D 141 -22.88 -24.03 -4.29
CA ASP D 141 -23.73 -23.97 -3.10
C ASP D 141 -24.44 -25.31 -2.91
N TYR D 142 -24.90 -25.92 -4.04
CA TYR D 142 -25.56 -27.22 -4.06
C TYR D 142 -24.61 -28.28 -3.52
N LEU D 143 -23.39 -28.38 -4.13
CA LEU D 143 -22.34 -29.33 -3.75
C LEU D 143 -22.00 -29.23 -2.28
N HIS D 144 -21.75 -28.00 -1.81
CA HIS D 144 -21.41 -27.71 -0.42
C HIS D 144 -22.53 -28.09 0.53
N ALA D 145 -23.80 -27.91 0.12
CA ALA D 145 -24.98 -28.29 0.92
C ALA D 145 -25.08 -29.81 1.07
N LYS D 146 -24.56 -30.54 0.06
CA LYS D 146 -24.50 -32.02 -0.01
C LYS D 146 -23.14 -32.50 0.55
N SER D 147 -22.38 -31.56 1.19
CA SER D 147 -21.08 -31.74 1.82
C SER D 147 -20.02 -32.30 0.88
N ILE D 148 -20.04 -31.84 -0.38
CA ILE D 148 -19.07 -32.25 -1.40
C ILE D 148 -18.15 -31.07 -1.68
N ILE D 149 -16.84 -31.31 -1.52
CA ILE D 149 -15.78 -30.36 -1.83
C ILE D 149 -15.23 -30.82 -3.17
N HIS D 150 -15.24 -29.90 -4.16
CA HIS D 150 -14.78 -30.15 -5.53
C HIS D 150 -13.31 -30.54 -5.53
N ARG D 151 -12.46 -29.81 -4.77
CA ARG D 151 -11.01 -30.03 -4.62
C ARG D 151 -10.20 -29.60 -5.87
N ASP D 152 -10.85 -29.29 -7.00
CA ASP D 152 -10.12 -28.90 -8.20
C ASP D 152 -10.95 -28.02 -9.17
N LEU D 153 -11.61 -26.96 -8.64
CA LEU D 153 -12.40 -26.06 -9.47
C LEU D 153 -11.50 -25.09 -10.23
N LYS D 154 -11.68 -25.02 -11.55
CA LYS D 154 -10.92 -24.14 -12.43
C LYS D 154 -11.79 -23.79 -13.63
N SER D 155 -11.32 -22.87 -14.47
CA SER D 155 -12.05 -22.42 -15.65
C SER D 155 -12.34 -23.50 -16.69
N ASN D 156 -11.47 -24.52 -16.76
CA ASN D 156 -11.61 -25.62 -17.71
C ASN D 156 -12.52 -26.74 -17.17
N ASN D 157 -13.20 -26.48 -16.04
CA ASN D 157 -14.14 -27.38 -15.34
C ASN D 157 -15.58 -26.82 -15.40
N ILE D 158 -15.69 -25.52 -15.70
CA ILE D 158 -16.96 -24.82 -15.86
C ILE D 158 -17.26 -24.92 -17.35
N PHE D 159 -18.11 -25.88 -17.71
CA PHE D 159 -18.46 -26.12 -19.11
C PHE D 159 -19.67 -25.30 -19.47
N LEU D 160 -19.55 -24.48 -20.53
CA LEU D 160 -20.65 -23.66 -20.99
C LEU D 160 -21.48 -24.43 -22.00
N HIS D 161 -22.43 -25.23 -21.50
CA HIS D 161 -23.32 -26.03 -22.32
C HIS D 161 -24.26 -25.13 -23.11
N GLU D 162 -24.22 -25.29 -24.46
CA GLU D 162 -24.96 -24.51 -25.47
C GLU D 162 -24.77 -23.00 -25.29
N ASP D 163 -23.57 -22.63 -24.77
CA ASP D 163 -23.08 -21.28 -24.46
C ASP D 163 -24.04 -20.51 -23.52
N LEU D 164 -24.84 -21.23 -22.71
CA LEU D 164 -25.79 -20.62 -21.77
C LEU D 164 -25.71 -21.21 -20.36
N THR D 165 -25.82 -22.55 -20.25
CA THR D 165 -25.83 -23.25 -18.97
C THR D 165 -24.46 -23.73 -18.51
N VAL D 166 -24.06 -23.31 -17.30
CA VAL D 166 -22.80 -23.71 -16.65
C VAL D 166 -22.98 -25.13 -16.10
N LYS D 167 -22.04 -26.02 -16.40
CA LYS D 167 -22.06 -27.39 -15.90
C LYS D 167 -20.70 -27.63 -15.25
N ILE D 168 -20.70 -27.79 -13.91
CA ILE D 168 -19.48 -28.05 -13.13
C ILE D 168 -19.16 -29.56 -13.17
N GLY D 169 -17.93 -29.85 -13.58
CA GLY D 169 -17.43 -31.21 -13.67
C GLY D 169 -15.99 -31.29 -13.25
N ASP D 170 -15.33 -32.41 -13.58
CA ASP D 170 -13.93 -32.73 -13.31
C ASP D 170 -13.56 -32.60 -11.83
N PHE D 171 -14.26 -33.37 -10.99
CA PHE D 171 -14.05 -33.40 -9.54
C PHE D 171 -12.70 -34.00 -9.17
N GLY D 172 -12.08 -33.49 -8.09
CA GLY D 172 -10.82 -33.99 -7.55
C GLY D 172 -10.99 -35.22 -6.66
N LEU D 173 -9.98 -36.13 -6.69
CA LEU D 173 -9.95 -37.38 -5.92
C LEU D 173 -8.66 -37.50 -5.09
N SER D 190 2.39 -31.53 -11.28
CA SER D 190 1.42 -31.51 -10.18
C SER D 190 -0.02 -31.23 -10.68
N GLY D 191 -0.18 -30.15 -11.47
CA GLY D 191 -1.45 -29.72 -12.05
C GLY D 191 -1.60 -28.22 -12.20
N SER D 192 -2.88 -27.76 -12.28
CA SER D 192 -3.24 -26.34 -12.41
C SER D 192 -3.30 -25.64 -11.03
N ILE D 193 -2.23 -24.88 -10.75
CA ILE D 193 -1.97 -24.17 -9.50
C ILE D 193 -2.61 -22.78 -9.37
N LEU D 194 -2.96 -22.14 -10.50
CA LEU D 194 -3.53 -20.78 -10.51
C LEU D 194 -4.76 -20.58 -9.61
N TRP D 195 -5.54 -21.65 -9.40
CA TRP D 195 -6.78 -21.69 -8.61
C TRP D 195 -6.59 -22.20 -7.18
N MET D 196 -5.39 -22.69 -6.85
CA MET D 196 -5.10 -23.22 -5.51
C MET D 196 -4.92 -22.13 -4.48
N ALA D 197 -5.65 -22.26 -3.36
CA ALA D 197 -5.59 -21.33 -2.23
C ALA D 197 -4.21 -21.45 -1.56
N PRO D 198 -3.67 -20.38 -0.92
CA PRO D 198 -2.36 -20.49 -0.26
C PRO D 198 -2.19 -21.75 0.61
N GLU D 199 -3.19 -22.07 1.45
CA GLU D 199 -3.16 -23.26 2.33
C GLU D 199 -3.14 -24.59 1.57
N VAL D 200 -3.68 -24.63 0.33
CA VAL D 200 -3.69 -25.83 -0.52
C VAL D 200 -2.27 -26.02 -1.05
N ILE D 201 -1.60 -24.91 -1.45
CA ILE D 201 -0.23 -24.89 -1.94
C ILE D 201 0.76 -25.28 -0.82
N ARG D 202 0.60 -24.68 0.38
CA ARG D 202 1.44 -24.95 1.54
C ARG D 202 1.32 -26.40 2.03
N MET D 203 0.10 -26.98 1.97
CA MET D 203 -0.25 -28.34 2.43
C MET D 203 0.02 -28.44 3.93
N GLN D 204 -0.65 -27.56 4.71
CA GLN D 204 -0.49 -27.46 6.17
C GLN D 204 -0.88 -28.74 6.93
N ASP D 205 -1.94 -29.44 6.44
CA ASP D 205 -2.46 -30.71 6.95
C ASP D 205 -2.39 -31.77 5.83
N LYS D 206 -2.84 -33.02 6.11
CA LYS D 206 -2.94 -34.07 5.10
C LYS D 206 -3.98 -33.61 4.06
N ASN D 207 -5.15 -33.13 4.56
CA ASN D 207 -6.23 -32.59 3.73
C ASN D 207 -6.39 -31.09 4.02
N PRO D 208 -5.67 -30.22 3.26
CA PRO D 208 -5.82 -28.77 3.47
C PRO D 208 -7.08 -28.22 2.76
N TYR D 209 -7.79 -29.09 2.01
CA TYR D 209 -9.02 -28.80 1.28
C TYR D 209 -10.18 -28.57 2.23
N SER D 210 -11.00 -27.57 1.90
CA SER D 210 -12.18 -27.14 2.65
C SER D 210 -13.17 -26.47 1.68
N PHE D 211 -14.31 -25.97 2.20
CA PHE D 211 -15.28 -25.23 1.40
C PHE D 211 -14.66 -23.90 1.00
N GLN D 212 -13.85 -23.33 1.91
CA GLN D 212 -13.14 -22.07 1.74
C GLN D 212 -12.07 -22.14 0.63
N SER D 213 -11.45 -23.33 0.41
CA SER D 213 -10.46 -23.53 -0.66
C SER D 213 -11.15 -23.47 -2.02
N ASP D 214 -12.41 -24.00 -2.08
CA ASP D 214 -13.28 -23.99 -3.25
C ASP D 214 -13.77 -22.58 -3.51
N VAL D 215 -13.95 -21.78 -2.44
CA VAL D 215 -14.33 -20.37 -2.53
C VAL D 215 -13.17 -19.58 -3.17
N TYR D 216 -11.91 -19.86 -2.76
CA TYR D 216 -10.71 -19.23 -3.35
C TYR D 216 -10.66 -19.54 -4.85
N ALA D 217 -10.85 -20.83 -5.24
CA ALA D 217 -10.84 -21.28 -6.63
C ALA D 217 -11.89 -20.52 -7.46
N PHE D 218 -13.07 -20.26 -6.85
CA PHE D 218 -14.17 -19.50 -7.44
C PHE D 218 -13.76 -18.03 -7.59
N GLY D 219 -12.99 -17.53 -6.62
CA GLY D 219 -12.46 -16.17 -6.59
C GLY D 219 -11.61 -15.88 -7.80
N ILE D 220 -10.73 -16.86 -8.17
CA ILE D 220 -9.85 -16.79 -9.35
C ILE D 220 -10.72 -16.83 -10.60
N VAL D 221 -11.78 -17.67 -10.60
CA VAL D 221 -12.71 -17.76 -11.72
C VAL D 221 -13.38 -16.38 -11.92
N LEU D 222 -13.84 -15.74 -10.81
CA LEU D 222 -14.43 -14.39 -10.87
C LEU D 222 -13.44 -13.43 -11.50
N TYR D 223 -12.14 -13.54 -11.09
CA TYR D 223 -11.05 -12.71 -11.61
C TYR D 223 -10.99 -12.85 -13.13
N GLU D 224 -10.95 -14.10 -13.63
CA GLU D 224 -10.88 -14.41 -15.05
C GLU D 224 -12.05 -13.83 -15.83
N LEU D 225 -13.27 -13.89 -15.26
CA LEU D 225 -14.48 -13.37 -15.88
C LEU D 225 -14.42 -11.84 -16.00
N MET D 226 -13.97 -11.16 -14.94
CA MET D 226 -13.92 -9.69 -14.85
C MET D 226 -12.69 -9.04 -15.50
N THR D 227 -11.60 -9.80 -15.72
CA THR D 227 -10.40 -9.27 -16.38
C THR D 227 -10.24 -9.81 -17.81
N GLY D 228 -10.75 -11.03 -18.05
CA GLY D 228 -10.64 -11.76 -19.31
C GLY D 228 -9.26 -12.38 -19.43
N GLN D 229 -8.53 -12.42 -18.31
CA GLN D 229 -7.15 -12.87 -18.21
C GLN D 229 -6.90 -13.82 -17.03
N LEU D 230 -5.78 -14.56 -17.11
CA LEU D 230 -5.34 -15.47 -16.07
C LEU D 230 -4.45 -14.70 -15.11
N PRO D 231 -4.47 -15.03 -13.78
CA PRO D 231 -3.60 -14.30 -12.85
C PRO D 231 -2.12 -14.61 -13.06
N TYR D 232 -1.26 -13.69 -12.59
CA TYR D 232 0.21 -13.76 -12.59
C TYR D 232 0.80 -13.99 -13.99
N SER D 233 0.21 -13.31 -14.99
CA SER D 233 0.61 -13.37 -16.40
C SER D 233 2.03 -12.84 -16.65
N ASN D 234 2.51 -11.93 -15.79
CA ASN D 234 3.85 -11.32 -15.87
C ASN D 234 4.98 -12.22 -15.30
N ILE D 235 4.63 -13.41 -14.76
CA ILE D 235 5.59 -14.38 -14.21
C ILE D 235 5.66 -15.63 -15.11
N ASN D 236 6.90 -16.02 -15.51
CA ASN D 236 7.14 -17.21 -16.35
C ASN D 236 7.73 -18.43 -15.58
N ASN D 237 7.53 -18.48 -14.25
CA ASN D 237 8.05 -19.57 -13.44
C ASN D 237 6.97 -20.13 -12.52
N ARG D 238 6.62 -21.42 -12.74
CA ARG D 238 5.58 -22.13 -12.01
C ARG D 238 5.97 -22.28 -10.54
N ASP D 239 7.25 -22.63 -10.29
CA ASP D 239 7.79 -22.80 -8.94
C ASP D 239 7.72 -21.50 -8.16
N GLN D 240 8.06 -20.37 -8.81
CA GLN D 240 8.02 -19.04 -8.17
C GLN D 240 6.59 -18.63 -7.84
N ILE D 241 5.62 -18.92 -8.74
CA ILE D 241 4.20 -18.64 -8.50
C ILE D 241 3.74 -19.47 -7.28
N ILE D 242 3.98 -20.81 -7.30
CA ILE D 242 3.66 -21.73 -6.21
C ILE D 242 4.23 -21.18 -4.87
N PHE D 243 5.56 -20.93 -4.79
CA PHE D 243 6.22 -20.44 -3.58
C PHE D 243 5.57 -19.20 -3.03
N MET D 244 5.44 -18.17 -3.88
CA MET D 244 4.92 -16.85 -3.56
C MET D 244 3.45 -16.79 -3.20
N VAL D 245 2.58 -17.53 -3.92
CA VAL D 245 1.15 -17.55 -3.61
C VAL D 245 0.93 -18.17 -2.22
N GLY D 246 1.58 -19.32 -1.98
CA GLY D 246 1.54 -20.04 -0.71
C GLY D 246 2.04 -19.21 0.46
N ARG D 247 3.11 -18.43 0.22
CA ARG D 247 3.71 -17.55 1.22
C ARG D 247 2.99 -16.19 1.33
N GLY D 248 1.95 -15.98 0.52
CA GLY D 248 1.17 -14.75 0.54
C GLY D 248 1.86 -13.52 -0.01
N TYR D 249 2.97 -13.69 -0.74
CA TYR D 249 3.72 -12.57 -1.33
C TYR D 249 3.06 -12.12 -2.62
N LEU D 250 2.42 -13.06 -3.32
CA LEU D 250 1.76 -12.86 -4.60
C LEU D 250 0.25 -13.09 -4.50
N SER D 251 -0.52 -12.18 -5.14
CA SER D 251 -1.98 -12.24 -5.18
C SER D 251 -2.50 -11.61 -6.49
N PRO D 252 -3.69 -12.00 -7.01
CA PRO D 252 -4.16 -11.41 -8.28
C PRO D 252 -4.26 -9.89 -8.29
N ASP D 253 -3.86 -9.26 -9.41
CA ASP D 253 -3.88 -7.82 -9.61
C ASP D 253 -5.31 -7.38 -9.89
N LEU D 254 -6.02 -6.95 -8.84
CA LEU D 254 -7.42 -6.56 -8.91
C LEU D 254 -7.66 -5.28 -9.72
N SER D 255 -6.60 -4.47 -9.97
CA SER D 255 -6.65 -3.23 -10.77
C SER D 255 -6.93 -3.53 -12.25
N LYS D 256 -6.77 -4.80 -12.64
CA LYS D 256 -6.97 -5.30 -14.00
C LYS D 256 -8.45 -5.54 -14.36
N VAL D 257 -9.36 -5.49 -13.37
CA VAL D 257 -10.79 -5.69 -13.62
C VAL D 257 -11.33 -4.61 -14.58
N ARG D 258 -12.20 -5.01 -15.51
CA ARG D 258 -12.80 -4.13 -16.48
C ARG D 258 -13.54 -2.96 -15.82
N SER D 259 -13.64 -1.82 -16.54
CA SER D 259 -14.27 -0.59 -16.06
C SER D 259 -15.75 -0.78 -15.72
N ASN D 260 -16.44 -1.66 -16.48
CA ASN D 260 -17.87 -1.98 -16.33
C ASN D 260 -18.15 -3.02 -15.23
N CYS D 261 -17.09 -3.51 -14.53
CA CYS D 261 -17.23 -4.45 -13.43
C CYS D 261 -17.83 -3.75 -12.21
N PRO D 262 -18.98 -4.24 -11.67
CA PRO D 262 -19.59 -3.58 -10.49
C PRO D 262 -18.67 -3.57 -9.27
N LYS D 263 -18.78 -2.52 -8.44
CA LYS D 263 -17.99 -2.33 -7.23
C LYS D 263 -18.15 -3.50 -6.26
N ALA D 264 -19.39 -4.00 -6.13
CA ALA D 264 -19.74 -5.14 -5.29
C ALA D 264 -19.15 -6.45 -5.82
N MET D 265 -18.96 -6.58 -7.15
CA MET D 265 -18.36 -7.76 -7.78
C MET D 265 -16.88 -7.83 -7.45
N LYS D 266 -16.19 -6.67 -7.56
CA LYS D 266 -14.77 -6.50 -7.24
C LYS D 266 -14.56 -6.71 -5.74
N ARG D 267 -15.58 -6.31 -4.93
CA ARG D 267 -15.58 -6.46 -3.47
C ARG D 267 -15.71 -7.94 -3.06
N LEU D 268 -16.62 -8.69 -3.74
CA LEU D 268 -16.88 -10.10 -3.50
C LEU D 268 -15.65 -10.93 -3.86
N MET D 269 -15.00 -10.56 -4.98
CA MET D 269 -13.79 -11.17 -5.51
C MET D 269 -12.70 -11.12 -4.46
N ALA D 270 -12.49 -9.92 -3.87
CA ALA D 270 -11.51 -9.64 -2.82
C ALA D 270 -11.73 -10.54 -1.59
N GLU D 271 -13.02 -10.69 -1.18
CA GLU D 271 -13.42 -11.51 -0.03
C GLU D 271 -13.16 -13.00 -0.28
N CYS D 272 -13.43 -13.47 -1.51
CA CYS D 272 -13.22 -14.85 -1.91
C CYS D 272 -11.74 -15.20 -1.91
N LEU D 273 -10.89 -14.22 -2.31
CA LEU D 273 -9.45 -14.38 -2.49
C LEU D 273 -8.60 -14.13 -1.23
N LYS D 274 -9.25 -13.93 -0.06
CA LYS D 274 -8.57 -13.69 1.21
C LYS D 274 -7.52 -14.77 1.47
N LYS D 275 -6.30 -14.37 1.84
CA LYS D 275 -5.19 -15.29 2.13
C LYS D 275 -5.54 -16.18 3.34
N LYS D 276 -6.28 -15.59 4.32
CA LYS D 276 -6.81 -16.20 5.56
C LYS D 276 -8.14 -16.90 5.24
N ARG D 277 -8.11 -18.26 5.29
CA ARG D 277 -9.19 -19.19 4.98
C ARG D 277 -10.54 -18.84 5.64
N ASP D 278 -10.58 -18.62 6.98
CA ASP D 278 -11.85 -18.35 7.67
C ASP D 278 -12.44 -16.97 7.38
N GLU D 279 -11.68 -16.07 6.76
CA GLU D 279 -12.21 -14.76 6.38
C GLU D 279 -13.12 -14.91 5.15
N ARG D 280 -12.85 -15.92 4.30
CA ARG D 280 -13.60 -16.21 3.08
C ARG D 280 -15.07 -16.48 3.32
N PRO D 281 -15.96 -15.85 2.51
CA PRO D 281 -17.39 -16.12 2.68
C PRO D 281 -17.74 -17.50 2.10
N LEU D 282 -18.87 -18.07 2.53
CA LEU D 282 -19.30 -19.35 1.99
C LEU D 282 -20.29 -19.12 0.86
N PHE D 283 -20.59 -20.17 0.07
CA PHE D 283 -21.43 -20.04 -1.12
C PHE D 283 -22.87 -19.56 -0.87
N PRO D 284 -23.58 -19.87 0.24
CA PRO D 284 -24.92 -19.27 0.43
C PRO D 284 -24.85 -17.74 0.42
N GLN D 285 -23.79 -17.18 1.06
CA GLN D 285 -23.50 -15.74 1.18
C GLN D 285 -23.03 -15.17 -0.16
N ILE D 286 -22.21 -15.93 -0.90
CA ILE D 286 -21.68 -15.55 -2.23
C ILE D 286 -22.85 -15.42 -3.23
N LEU D 287 -23.71 -16.46 -3.29
CA LEU D 287 -24.84 -16.51 -4.20
C LEU D 287 -25.82 -15.38 -3.95
N ALA D 288 -26.10 -15.07 -2.68
CA ALA D 288 -26.97 -13.96 -2.31
C ALA D 288 -26.39 -12.64 -2.83
N SER D 289 -25.05 -12.46 -2.73
CA SER D 289 -24.34 -11.26 -3.19
C SER D 289 -24.43 -11.09 -4.70
N ILE D 290 -24.28 -12.20 -5.48
CA ILE D 290 -24.36 -12.19 -6.94
C ILE D 290 -25.80 -11.97 -7.39
N GLU D 291 -26.79 -12.63 -6.73
CA GLU D 291 -28.22 -12.51 -7.06
C GLU D 291 -28.73 -11.08 -6.90
N LEU D 292 -28.27 -10.39 -5.83
CA LEU D 292 -28.58 -8.99 -5.52
C LEU D 292 -27.92 -8.06 -6.55
N LEU D 293 -26.69 -8.39 -6.96
CA LEU D 293 -25.91 -7.66 -7.95
C LEU D 293 -26.62 -7.69 -9.31
N ALA D 294 -27.18 -8.85 -9.70
CA ALA D 294 -27.90 -9.07 -10.98
C ALA D 294 -29.12 -8.16 -11.19
N ARG D 295 -29.82 -7.79 -10.11
CA ARG D 295 -31.03 -6.95 -10.13
C ARG D 295 -30.79 -5.60 -10.79
N SER D 296 -29.62 -4.98 -10.53
CA SER D 296 -29.23 -3.68 -11.06
C SER D 296 -28.52 -3.81 -12.42
N LEU D 297 -29.11 -3.24 -13.48
CA LEU D 297 -28.58 -3.24 -14.86
C LEU D 297 -29.00 -1.98 -15.68
N PRO D 298 -28.06 -1.34 -16.44
CA PRO D 298 -28.44 -0.14 -17.20
C PRO D 298 -29.23 -0.44 -18.48
C1 P06 E . 13.60 21.10 -7.72
C2 P06 E . 15.24 19.52 -7.30
N3 P06 E . 14.00 19.99 -7.11
C4 P06 E . 16.08 20.19 -8.23
N6 P06 E . 14.39 21.76 -8.56
C7 P06 E . 15.62 21.34 -8.83
N9 P06 E . 12.31 21.59 -7.46
C12 P06 E . 15.63 18.28 -6.63
S13 P06 E . 14.45 17.30 -5.78
C14 P06 E . 15.59 16.09 -5.42
N15 P06 E . 16.75 16.46 -5.86
C16 P06 E . 16.85 17.61 -6.51
C17 P06 E . 15.30 14.81 -4.64
C18 P06 E . 13.96 14.19 -5.00
C22 P06 E . 16.36 13.74 -4.87
C26 P06 E . 15.28 15.12 -3.15
C30 P06 E . 18.18 18.04 -7.02
C31 P06 E . 20.14 17.51 -8.37
C32 P06 E . 18.83 17.23 -7.96
C33 P06 E . 20.77 18.67 -7.88
C35 P06 E . 18.86 19.15 -6.48
C37 P06 E . 20.16 19.46 -6.92
F39 P06 E . 18.18 16.14 -8.44
N40 P06 E . 20.72 16.68 -9.34
S42 P06 E . 22.35 16.43 -9.54
C43 P06 E . 22.83 17.70 -10.69
C44 P06 E . 22.52 18.72 -12.86
C46 P06 E . 22.19 17.74 -11.93
C47 P06 E . 23.45 19.69 -12.56
C49 P06 E . 23.77 18.70 -10.38
C50 P06 E . 24.07 19.68 -11.32
F52 P06 E . 24.41 18.76 -9.20
F53 P06 E . 21.24 16.83 -12.26
O54 P06 E . 23.01 16.67 -8.32
O55 P06 E . 22.48 15.19 -10.23
C1 P06 F . 12.63 -20.77 8.37
C2 P06 F . 14.42 -19.27 8.30
N3 P06 F . 13.20 -19.67 7.90
C4 P06 F . 15.10 -20.06 9.25
N6 P06 F . 13.28 -21.54 9.25
C7 P06 F . 14.49 -21.23 9.71
N9 P06 F . 11.38 -21.13 7.92
C12 P06 F . 14.96 -18.01 7.72
S13 P06 F . 13.97 -17.00 6.65
C14 P06 F . 15.20 -15.83 6.51
N15 P06 F . 16.23 -16.23 7.15
C16 P06 F . 16.19 -17.36 7.84
C17 P06 F . 15.09 -14.57 5.70
C18 P06 F . 13.65 -14.07 5.55
C22 P06 F . 15.92 -13.45 6.34
C26 P06 F . 15.64 -14.83 4.29
C30 P06 F . 17.45 -17.79 8.51
C31 P06 F . 19.38 -17.19 9.86
C32 P06 F . 18.12 -16.89 9.34
C33 P06 F . 19.99 -18.41 9.51
C35 P06 F . 18.11 -18.96 8.10
C37 P06 F . 19.36 -19.28 8.62
F39 P06 F . 17.51 -15.72 9.65
N40 P06 F . 19.96 -16.26 10.75
S42 P06 F . 21.57 -16.13 11.21
C43 P06 F . 21.77 -17.47 12.37
C44 P06 F . 21.08 -18.47 14.47
C46 P06 F . 20.98 -17.45 13.54
C47 P06 F . 21.88 -19.56 14.24
C49 P06 F . 22.58 -18.59 12.14
C50 P06 F . 22.65 -19.62 13.07
F52 P06 F . 23.33 -18.69 11.02
F53 P06 F . 20.14 -16.42 13.75
O54 P06 F . 22.39 -16.38 10.07
O55 P06 F . 21.62 -14.91 11.95
C1 P06 G . -20.45 31.87 21.29
C2 P06 G . -19.03 32.78 19.67
N3 P06 G . -19.22 32.08 20.81
C4 P06 G . -20.16 33.21 18.96
N6 P06 G . -21.52 32.32 20.65
C7 P06 G . -21.41 32.99 19.51
N9 P06 G . -20.63 31.17 22.48
C12 P06 G . -17.66 32.91 19.14
S13 P06 G . -16.31 32.00 19.82
C14 P06 G . -15.23 32.58 18.64
N15 P06 G . -15.86 33.38 17.86
C16 P06 G . -17.15 33.60 18.04
C17 P06 G . -13.76 32.26 18.55
C18 P06 G . -13.48 30.82 19.04
C22 P06 G . -13.27 32.33 17.10
C26 P06 G . -12.96 33.27 19.38
C30 P06 G . -17.80 34.54 17.10
C31 P06 G . -18.05 35.24 14.78
C32 P06 G . -17.60 34.33 15.73
C33 P06 G . -18.70 36.40 15.22
C35 P06 G . -18.39 35.74 17.53
C37 P06 G . -18.85 36.65 16.58
F39 P06 G . -16.97 33.22 15.31
N40 P06 G . -17.88 34.89 13.44
S42 P06 G . -18.02 35.91 12.15
C43 P06 G . -19.76 36.16 11.92
C44 P06 G . -21.93 35.28 11.29
C46 P06 G . -20.57 35.10 11.50
C47 P06 G . -22.51 36.51 11.54
C49 P06 G . -20.36 37.42 12.14
C50 P06 G . -21.73 37.58 11.93
F52 P06 G . -19.66 38.49 12.56
F53 P06 G . -20.05 33.88 11.26
O54 P06 G . -17.40 37.13 12.52
O55 P06 G . -17.55 35.22 11.00
C1 P06 H . -17.94 -32.46 -22.55
C2 P06 H . -16.66 -33.29 -20.79
N3 P06 H . -16.77 -32.64 -21.95
C4 P06 H . -17.85 -33.69 -20.15
N6 P06 H . -19.05 -32.89 -22.00
C7 P06 H . -19.06 -33.50 -20.82
N9 P06 H . -17.98 -31.79 -23.77
C12 P06 H . -15.33 -33.38 -20.15
S13 P06 H . -13.91 -32.56 -20.81
C14 P06 H . -12.95 -33.00 -19.46
N15 P06 H . -13.66 -33.72 -18.66
C16 P06 H . -14.94 -33.95 -18.94
C17 P06 H . -11.48 -32.65 -19.25
C18 P06 H . -10.62 -33.78 -19.79
C22 P06 H . -11.12 -31.31 -19.90
C26 P06 H . -11.15 -32.49 -17.77
C30 P06 H . -15.74 -34.85 -18.06
C31 P06 H . -16.34 -35.48 -15.80
C32 P06 H . -15.73 -34.59 -16.69
C33 P06 H . -16.96 -36.64 -16.30
C35 P06 H . -16.28 -36.06 -18.53
C37 P06 H . -16.92 -36.93 -17.66
F39 P06 H . -15.14 -33.46 -16.24
N40 P06 H . -16.42 -35.09 -14.46
S42 P06 H . -16.51 -36.10 -13.15
C43 P06 H . -18.21 -36.57 -13.00
C44 P06 H . -20.49 -35.87 -12.58
C46 P06 H . -19.13 -35.56 -12.70
C47 P06 H . -20.93 -37.17 -12.77
C49 P06 H . -18.68 -37.90 -13.20
C50 P06 H . -20.03 -38.19 -13.05
F52 P06 H . -17.83 -38.92 -13.47
F53 P06 H . -18.71 -34.28 -12.57
O54 P06 H . -15.70 -37.25 -13.38
O55 P06 H . -16.27 -35.23 -12.05
#